data_1QBB
#
_entry.id   1QBB
#
_cell.length_a   110.700
_cell.length_b   99.900
_cell.length_c   87.700
_cell.angle_alpha   90.00
_cell.angle_beta   90.00
_cell.angle_gamma   90.00
#
_symmetry.space_group_name_H-M   'P 21 21 2'
#
loop_
_entity.id
_entity.type
_entity.pdbx_description
1 polymer CHITOBIASE
2 branched 2-acetamido-2-deoxy-beta-D-glucopyranose-(1-4)-2-acetamido-2-deoxy-beta-D-glucopyranose
3 non-polymer 'SULFATE ION'
4 water water
#
_entity_poly.entity_id   1
_entity_poly.type   'polypeptide(L)'
_entity_poly.pdbx_seq_one_letter_code
;DQQLVDQLSQLKLNVKMLDNRAGENGVDCAALGADWASCNRVLFTLSNDGQAIDGKDWVIYFHSPRQTLRVDNDQFKIAH
LTGDLYKLEPTAKFSGFPAGKAVEIPVVAEYWQLFRNDFLPRWYATSGDAKPKMLANTDTENLDQFVAPFTGDQWKRTKD
DKNILMTPASRFVSNADLQTLPAGALRGKIVPTPMQVKVHAQDADLRKGVALDLSTLVKPAADVVSQRFALLGVPVQTNG
YPIKTDIQPGKFKGAMAVSGAYELKIGKKEAQVIGFDQAGVFYGLQSILSLVPSDGSGKIATLDASDAPRFPYRGIFLDV
ARNFHKKDAVLRLLDQMAAYKLNKFHFHLSDDEGWRIEIPGLPELTEVGGQRCHDLSETTCLLPQYGQGPDVYGGFFSRQ
DYIDIIKYAQARQIEVIPEIDMPAHARAAVVSMEARYKKLHAAGKEQEANEFRLVDPTDTSNTTSVQFFNRQSYLNPCLD
SSQRFVDKVIGEIAQMHKEAGQPIKTWHFGGDEAKNIRLGAGYTDKAKPEPGKGIIDQGNEDKPWAKSQVCQTMIKEGKV
ADMEHLPSYFGQEVSKLVKAHGIDRMQAWQDGLKDAESSKAFATSRVGVNFWDTLYWGGFDSVNDWANKGYEVVVSNPDY
VYMDFPYEVNPDERGYYWGTRFSDERKVFSFAPDNMPQNAETSVDRDGNHFNAKSDKPWPGAYGLSAQLWSETQRTDPQM
EYMIFPRALSVAERSWHRAGWEQDYRAGREYKGGETHFVDTQALEKDWLRFANILGQRELAKLDKGGVAYRLPVPGARVA
GGKLEANIALPGLGIEYSTDGGKQWQRYDAKAKPAVSGEVQVRSVSPDGKRYSRAEKV
;
_entity_poly.pdbx_strand_id   A
#
loop_
_chem_comp.id
_chem_comp.type
_chem_comp.name
_chem_comp.formula
NAG D-saccharide, beta linking 2-acetamido-2-deoxy-beta-D-glucopyranose 'C8 H15 N O6'
SO4 non-polymer 'SULFATE ION' 'O4 S -2'
#
# COMPACT_ATOMS: atom_id res chain seq x y z
N ASP A 1 -36.97 7.12 -16.31
CA ASP A 1 -37.78 6.52 -15.25
C ASP A 1 -37.15 5.19 -14.81
N GLN A 2 -37.87 4.42 -14.00
CA GLN A 2 -37.35 3.16 -13.50
C GLN A 2 -37.15 2.15 -14.62
N GLN A 3 -38.10 2.13 -15.55
CA GLN A 3 -38.07 1.22 -16.66
C GLN A 3 -36.77 1.38 -17.44
N LEU A 4 -36.38 2.62 -17.67
CA LEU A 4 -35.19 2.89 -18.46
C LEU A 4 -33.95 2.39 -17.73
N VAL A 5 -33.93 2.68 -16.41
CA VAL A 5 -32.80 2.18 -15.61
C VAL A 5 -32.79 0.63 -15.64
N ASP A 6 -33.91 -0.04 -15.47
CA ASP A 6 -33.98 -1.47 -15.51
C ASP A 6 -33.44 -2.03 -16.83
N GLN A 7 -33.72 -1.37 -17.94
CA GLN A 7 -33.21 -1.76 -19.25
C GLN A 7 -31.72 -1.60 -19.38
N LEU A 8 -31.23 -0.44 -18.94
CA LEU A 8 -29.81 -0.14 -18.97
C LEU A 8 -29.03 -1.09 -18.09
N SER A 9 -29.62 -1.53 -16.97
CA SER A 9 -28.97 -2.41 -16.02
C SER A 9 -28.65 -3.76 -16.64
N GLN A 10 -29.38 -4.14 -17.71
CA GLN A 10 -29.22 -5.39 -18.37
C GLN A 10 -28.29 -5.29 -19.55
N LEU A 11 -27.73 -4.13 -19.84
CA LEU A 11 -26.68 -4.01 -20.84
C LEU A 11 -25.44 -4.77 -20.29
N LYS A 12 -24.73 -5.46 -21.17
CA LYS A 12 -23.53 -6.18 -20.78
C LYS A 12 -22.31 -5.37 -21.30
N LEU A 13 -21.43 -5.06 -20.39
CA LEU A 13 -20.25 -4.30 -20.72
C LEU A 13 -19.09 -5.21 -21.06
N ASN A 14 -18.27 -4.82 -22.01
CA ASN A 14 -17.00 -5.47 -22.29
C ASN A 14 -15.96 -4.35 -22.45
N VAL A 15 -14.83 -4.47 -21.82
CA VAL A 15 -13.76 -3.50 -21.93
C VAL A 15 -12.58 -4.16 -22.63
N LYS A 16 -12.10 -3.50 -23.65
CA LYS A 16 -10.98 -3.99 -24.41
C LYS A 16 -9.94 -2.92 -24.68
N MET A 17 -8.70 -3.14 -24.32
CA MET A 17 -7.59 -2.28 -24.63
C MET A 17 -7.32 -2.32 -26.15
N LEU A 18 -7.20 -1.20 -26.81
CA LEU A 18 -6.95 -1.11 -28.24
C LEU A 18 -5.48 -0.70 -28.49
N ASP A 19 -5.02 0.31 -27.74
CA ASP A 19 -3.66 0.79 -27.89
C ASP A 19 -3.17 1.57 -26.68
N ASN A 20 -2.10 1.05 -26.04
CA ASN A 20 -1.61 1.69 -24.82
C ASN A 20 -0.63 2.78 -25.07
N ARG A 21 -0.30 2.87 -26.38
CA ARG A 21 0.67 3.86 -26.79
C ARG A 21 0.12 4.67 -27.95
N ALA A 22 -1.06 5.21 -27.86
CA ALA A 22 -1.75 5.89 -28.94
C ALA A 22 -1.02 7.07 -29.51
N GLY A 23 -0.21 7.77 -28.77
CA GLY A 23 0.60 8.89 -29.11
C GLY A 23 1.76 8.59 -30.06
N GLU A 24 2.24 7.36 -30.00
CA GLU A 24 3.21 6.78 -30.89
C GLU A 24 2.54 6.32 -32.20
N ASN A 25 1.23 6.17 -32.29
CA ASN A 25 0.53 5.66 -33.42
C ASN A 25 -0.45 6.58 -34.12
N GLY A 26 -0.16 7.87 -34.18
CA GLY A 26 -0.96 8.85 -34.79
C GLY A 26 -2.02 9.59 -34.08
N VAL A 27 -2.20 9.38 -32.76
CA VAL A 27 -3.20 10.18 -32.03
C VAL A 27 -2.43 11.39 -31.46
N ASP A 28 -2.94 12.60 -31.62
CA ASP A 28 -2.29 13.77 -31.03
C ASP A 28 -2.79 13.97 -29.57
N CYS A 29 -2.12 13.29 -28.66
CA CYS A 29 -2.45 13.27 -27.25
C CYS A 29 -2.25 14.63 -26.62
N ALA A 30 -1.22 15.34 -27.08
CA ALA A 30 -0.93 16.71 -26.64
C ALA A 30 -2.12 17.64 -26.87
N ALA A 31 -2.73 17.59 -28.05
CA ALA A 31 -3.89 18.40 -28.35
C ALA A 31 -5.08 18.05 -27.46
N LEU A 32 -5.12 16.81 -26.97
CA LEU A 32 -6.16 16.37 -26.07
C LEU A 32 -5.91 16.72 -24.61
N GLY A 33 -4.83 17.34 -24.23
CA GLY A 33 -4.48 17.79 -22.92
C GLY A 33 -3.89 16.70 -22.03
N ALA A 34 -3.31 15.71 -22.67
CA ALA A 34 -2.71 14.57 -21.98
C ALA A 34 -1.35 14.94 -21.40
N ASP A 35 -1.17 14.63 -20.11
CA ASP A 35 0.10 14.83 -19.46
C ASP A 35 1.21 14.15 -20.28
N TRP A 36 2.24 14.92 -20.58
CA TRP A 36 3.36 14.46 -21.35
C TRP A 36 2.97 13.86 -22.70
N ALA A 37 1.90 14.31 -23.29
CA ALA A 37 1.40 13.86 -24.53
C ALA A 37 1.29 12.34 -24.57
N SER A 38 0.82 11.70 -23.50
CA SER A 38 0.61 10.25 -23.43
C SER A 38 -0.83 9.87 -23.23
N CYS A 39 -1.34 9.00 -24.08
CA CYS A 39 -2.72 8.59 -24.07
C CYS A 39 -2.91 7.21 -24.65
N ASN A 40 -4.05 6.59 -24.38
CA ASN A 40 -4.31 5.25 -24.77
C ASN A 40 -5.74 5.20 -25.32
N ARG A 41 -5.99 4.22 -26.10
CA ARG A 41 -7.31 4.07 -26.72
C ARG A 41 -7.93 2.79 -26.22
N VAL A 42 -9.13 2.86 -25.73
CA VAL A 42 -9.86 1.76 -25.16
C VAL A 42 -11.23 1.66 -25.83
N LEU A 43 -11.74 0.45 -25.95
CA LEU A 43 -13.05 0.25 -26.52
C LEU A 43 -14.07 -0.16 -25.49
N PHE A 44 -15.14 0.57 -25.27
CA PHE A 44 -16.23 0.13 -24.42
C PHE A 44 -17.31 -0.46 -25.32
N THR A 45 -17.72 -1.69 -25.14
CA THR A 45 -18.85 -2.28 -25.88
C THR A 45 -20.05 -2.59 -24.99
N LEU A 46 -21.24 -2.14 -25.30
CA LEU A 46 -22.45 -2.34 -24.52
C LEU A 46 -23.41 -3.18 -25.39
N SER A 47 -23.67 -4.38 -24.99
CA SER A 47 -24.52 -5.31 -25.68
C SER A 47 -25.88 -5.41 -25.04
N ASN A 48 -26.89 -5.42 -25.88
CA ASN A 48 -28.29 -5.47 -25.51
C ASN A 48 -28.95 -6.74 -25.94
N ASP A 49 -29.35 -7.65 -25.04
CA ASP A 49 -30.03 -8.88 -25.44
C ASP A 49 -31.53 -8.74 -25.26
N GLY A 50 -31.97 -7.53 -24.98
CA GLY A 50 -33.39 -7.30 -24.83
C GLY A 50 -33.88 -6.45 -26.00
N GLN A 51 -35.00 -5.82 -25.75
CA GLN A 51 -35.60 -4.91 -26.72
C GLN A 51 -34.84 -3.60 -26.73
N ALA A 52 -35.09 -2.83 -27.78
CA ALA A 52 -34.49 -1.55 -27.99
C ALA A 52 -34.64 -0.59 -26.83
N ILE A 53 -33.57 0.11 -26.51
CA ILE A 53 -33.53 1.05 -25.43
C ILE A 53 -33.39 2.43 -26.18
N ASP A 54 -34.51 3.10 -26.22
CA ASP A 54 -34.69 4.33 -26.96
C ASP A 54 -34.79 5.58 -26.13
N GLY A 55 -34.92 5.47 -24.81
CA GLY A 55 -34.93 6.67 -23.96
C GLY A 55 -33.60 7.42 -23.98
N LYS A 56 -33.67 8.72 -23.72
CA LYS A 56 -32.53 9.59 -23.67
C LYS A 56 -32.30 10.20 -22.28
N ASP A 57 -33.23 10.07 -21.38
CA ASP A 57 -33.18 10.60 -20.05
C ASP A 57 -32.38 9.71 -19.09
N TRP A 58 -31.13 9.49 -19.40
CA TRP A 58 -30.27 8.62 -18.58
C TRP A 58 -28.87 9.09 -18.51
N VAL A 59 -28.22 8.67 -17.40
CA VAL A 59 -26.76 8.88 -17.26
C VAL A 59 -26.17 7.53 -16.79
N ILE A 60 -25.08 7.09 -17.31
CA ILE A 60 -24.37 5.89 -16.84
C ILE A 60 -23.10 6.40 -16.15
N TYR A 61 -22.94 5.99 -14.89
CA TYR A 61 -21.78 6.30 -14.09
C TYR A 61 -20.76 5.16 -14.04
N PHE A 62 -19.47 5.54 -14.16
CA PHE A 62 -18.38 4.63 -14.11
C PHE A 62 -17.16 5.26 -13.46
N HIS A 63 -16.28 4.39 -12.98
CA HIS A 63 -15.06 4.82 -12.33
C HIS A 63 -13.83 4.44 -13.18
N SER A 64 -12.83 5.32 -13.11
CA SER A 64 -11.55 5.14 -13.70
C SER A 64 -10.49 5.99 -13.08
N PRO A 65 -9.26 5.47 -12.90
CA PRO A 65 -8.14 6.18 -12.40
C PRO A 65 -7.48 7.08 -13.45
N ARG A 66 -7.97 6.96 -14.70
CA ARG A 66 -7.58 7.71 -15.84
C ARG A 66 -8.75 8.62 -16.32
N GLN A 67 -8.35 9.82 -16.68
CA GLN A 67 -9.26 10.80 -17.26
C GLN A 67 -9.54 10.43 -18.75
N THR A 68 -10.81 10.54 -19.08
CA THR A 68 -11.28 10.34 -20.43
C THR A 68 -11.09 11.65 -21.20
N LEU A 69 -10.39 11.59 -22.30
CA LEU A 69 -10.09 12.77 -23.08
C LEU A 69 -10.85 12.92 -24.39
N ARG A 70 -11.39 11.90 -24.99
CA ARG A 70 -12.07 11.95 -26.28
C ARG A 70 -12.99 10.74 -26.37
N VAL A 71 -14.13 10.90 -27.00
CA VAL A 71 -15.11 9.83 -27.20
C VAL A 71 -15.34 9.77 -28.72
N ASP A 72 -15.19 8.64 -29.32
CA ASP A 72 -15.16 8.48 -30.76
C ASP A 72 -16.41 7.89 -31.39
N ASN A 73 -17.51 7.90 -30.68
CA ASN A 73 -18.84 7.55 -31.07
C ASN A 73 -19.66 8.80 -30.70
N ASP A 74 -20.10 9.55 -31.72
CA ASP A 74 -20.72 10.87 -31.45
C ASP A 74 -22.12 10.83 -30.92
N GLN A 75 -22.68 9.65 -30.73
CA GLN A 75 -23.92 9.44 -30.05
C GLN A 75 -23.77 9.55 -28.50
N PHE A 76 -22.54 9.60 -28.05
CA PHE A 76 -22.26 9.61 -26.60
C PHE A 76 -21.27 10.66 -26.24
N LYS A 77 -21.29 11.01 -24.95
CA LYS A 77 -20.32 11.92 -24.42
C LYS A 77 -19.97 11.44 -22.96
N ILE A 78 -18.77 11.78 -22.59
CA ILE A 78 -18.27 11.43 -21.24
C ILE A 78 -17.81 12.71 -20.55
N ALA A 79 -18.21 12.97 -19.32
CA ALA A 79 -17.88 14.12 -18.54
C ALA A 79 -17.38 13.64 -17.14
N HIS A 80 -16.51 14.37 -16.54
CA HIS A 80 -15.97 14.04 -15.19
C HIS A 80 -16.86 14.68 -14.14
N LEU A 81 -17.19 13.98 -13.07
CA LEU A 81 -17.84 14.56 -11.92
C LEU A 81 -16.68 15.05 -11.03
N THR A 82 -16.13 14.19 -10.18
CA THR A 82 -14.99 14.49 -9.35
C THR A 82 -14.33 13.17 -8.90
N GLY A 83 -13.03 13.31 -8.68
CA GLY A 83 -12.27 12.07 -8.28
C GLY A 83 -12.29 11.13 -9.48
N ASP A 84 -12.54 9.89 -9.30
CA ASP A 84 -12.56 8.87 -10.28
C ASP A 84 -13.91 8.60 -10.93
N LEU A 85 -14.89 9.48 -10.65
CA LEU A 85 -16.24 9.32 -11.09
C LEU A 85 -16.55 10.12 -12.36
N TYR A 86 -16.96 9.42 -13.42
CA TYR A 86 -17.27 9.89 -14.71
C TYR A 86 -18.68 9.48 -15.10
N LYS A 87 -19.22 10.28 -16.07
CA LYS A 87 -20.55 9.97 -16.57
C LYS A 87 -20.59 9.82 -18.09
N LEU A 88 -21.26 8.79 -18.51
CA LEU A 88 -21.50 8.50 -19.93
C LEU A 88 -22.95 8.91 -20.22
N GLU A 89 -23.12 9.79 -21.19
CA GLU A 89 -24.45 10.31 -21.55
C GLU A 89 -24.64 10.29 -23.08
N PRO A 90 -25.86 10.21 -23.47
CA PRO A 90 -26.27 10.29 -24.86
C PRO A 90 -26.23 11.73 -25.35
N THR A 91 -25.81 11.93 -26.59
CA THR A 91 -25.83 13.26 -27.21
C THR A 91 -27.14 13.41 -27.96
N ALA A 92 -27.33 14.54 -28.62
CA ALA A 92 -28.55 14.72 -29.44
C ALA A 92 -28.65 13.73 -30.57
N LYS A 93 -27.53 13.16 -31.01
CA LYS A 93 -27.42 12.18 -32.03
C LYS A 93 -27.71 10.77 -31.58
N PHE A 94 -27.88 10.51 -30.31
CA PHE A 94 -28.13 9.13 -29.82
C PHE A 94 -29.40 8.62 -30.49
N SER A 95 -29.36 7.44 -31.02
CA SER A 95 -30.54 6.89 -31.69
C SER A 95 -30.94 5.56 -31.08
N GLY A 96 -30.43 5.25 -29.88
CA GLY A 96 -30.80 4.12 -29.13
C GLY A 96 -29.86 2.95 -29.07
N PHE A 97 -30.09 2.07 -28.08
CA PHE A 97 -29.35 0.82 -28.04
C PHE A 97 -30.33 -0.19 -28.69
N PRO A 98 -29.96 -0.62 -29.88
CA PRO A 98 -30.80 -1.50 -30.69
C PRO A 98 -30.96 -2.85 -30.04
N ALA A 99 -32.08 -3.51 -30.34
CA ALA A 99 -32.39 -4.84 -29.83
C ALA A 99 -31.43 -5.89 -30.32
N GLY A 100 -30.85 -6.70 -29.47
CA GLY A 100 -29.91 -7.73 -29.77
C GLY A 100 -28.60 -7.36 -30.39
N LYS A 101 -28.14 -6.12 -30.33
CA LYS A 101 -26.94 -5.64 -30.92
C LYS A 101 -25.99 -5.01 -29.89
N ALA A 102 -24.77 -4.84 -30.27
CA ALA A 102 -23.74 -4.21 -29.47
C ALA A 102 -23.50 -2.80 -30.00
N VAL A 103 -23.29 -1.85 -29.13
CA VAL A 103 -22.94 -0.47 -29.52
C VAL A 103 -21.47 -0.30 -29.15
N GLU A 104 -20.59 0.19 -29.97
CA GLU A 104 -19.22 0.39 -29.66
C GLU A 104 -18.87 1.85 -29.39
N ILE A 105 -18.24 2.06 -28.25
CA ILE A 105 -17.78 3.36 -27.83
C ILE A 105 -16.28 3.37 -27.54
N PRO A 106 -15.49 3.76 -28.52
CA PRO A 106 -14.06 3.87 -28.40
C PRO A 106 -13.73 5.16 -27.70
N VAL A 107 -12.82 5.18 -26.75
CA VAL A 107 -12.43 6.37 -26.04
C VAL A 107 -10.92 6.53 -26.00
N VAL A 108 -10.44 7.74 -25.80
CA VAL A 108 -9.05 8.03 -25.56
C VAL A 108 -8.86 8.48 -24.10
N ALA A 109 -7.97 7.80 -23.37
CA ALA A 109 -7.77 8.17 -21.96
C ALA A 109 -6.37 8.70 -21.76
N GLU A 110 -6.08 9.42 -20.69
CA GLU A 110 -4.74 9.90 -20.39
C GLU A 110 -3.82 8.75 -19.94
N TYR A 111 -2.53 8.87 -20.17
CA TYR A 111 -1.51 7.97 -19.79
C TYR A 111 -1.61 6.62 -20.53
N TRP A 112 -1.64 5.54 -19.85
CA TRP A 112 -1.63 4.16 -20.26
C TRP A 112 -2.34 3.30 -19.24
N GLN A 113 -2.86 2.16 -19.54
CA GLN A 113 -3.54 1.22 -18.68
C GLN A 113 -2.93 -0.17 -18.88
N LEU A 114 -1.84 -0.40 -18.15
CA LEU A 114 -0.99 -1.56 -18.37
C LEU A 114 -1.40 -2.83 -17.71
N PHE A 115 -2.23 -2.75 -16.73
CA PHE A 115 -2.79 -3.87 -15.97
C PHE A 115 -4.30 -3.85 -16.08
N ARG A 116 -4.92 -5.02 -16.26
CA ARG A 116 -6.35 -5.13 -16.29
C ARG A 116 -7.04 -4.62 -15.04
N ASN A 117 -6.44 -4.58 -13.92
CA ASN A 117 -6.87 -4.05 -12.65
C ASN A 117 -7.13 -2.54 -12.68
N ASP A 118 -6.70 -1.87 -13.75
CA ASP A 118 -6.92 -0.48 -13.99
C ASP A 118 -8.40 -0.25 -14.29
N PHE A 119 -9.08 -1.24 -14.80
CA PHE A 119 -10.51 -1.16 -15.10
C PHE A 119 -11.34 -1.59 -13.89
N LEU A 120 -12.20 -0.67 -13.44
CA LEU A 120 -12.99 -0.79 -12.28
C LEU A 120 -14.37 -1.32 -12.52
N PRO A 121 -14.88 -2.12 -11.61
CA PRO A 121 -16.14 -2.73 -11.64
C PRO A 121 -17.26 -1.78 -11.25
N ARG A 122 -18.47 -2.22 -11.38
CA ARG A 122 -19.68 -1.64 -10.88
C ARG A 122 -20.08 -0.27 -11.45
N TRP A 123 -20.21 -0.31 -12.79
CA TRP A 123 -20.85 0.72 -13.59
C TRP A 123 -22.33 0.74 -13.16
N TYR A 124 -22.99 1.91 -13.19
CA TYR A 124 -24.36 1.98 -12.77
C TYR A 124 -25.14 2.97 -13.60
N ALA A 125 -26.46 2.80 -13.66
CA ALA A 125 -27.32 3.63 -14.46
C ALA A 125 -28.30 4.39 -13.59
N THR A 126 -28.60 5.61 -14.00
CA THR A 126 -29.56 6.48 -13.40
C THR A 126 -30.48 7.07 -14.48
N SER A 127 -31.60 7.54 -14.04
CA SER A 127 -32.61 8.19 -14.88
C SER A 127 -33.66 8.89 -14.01
N GLY A 128 -33.87 10.14 -14.15
CA GLY A 128 -34.77 10.96 -13.44
C GLY A 128 -35.03 10.60 -11.97
N ASP A 129 -36.20 10.07 -11.75
CA ASP A 129 -36.81 9.64 -10.53
C ASP A 129 -36.00 8.51 -9.81
N ALA A 130 -35.86 7.46 -10.58
CA ALA A 130 -35.36 6.21 -10.39
C ALA A 130 -34.19 6.03 -9.44
N LYS A 131 -34.16 4.85 -8.83
CA LYS A 131 -33.07 4.42 -7.98
C LYS A 131 -31.98 3.84 -8.87
N PRO A 132 -30.74 4.21 -8.62
CA PRO A 132 -29.61 3.71 -9.40
C PRO A 132 -29.48 2.20 -9.32
N LYS A 133 -29.19 1.55 -10.46
CA LYS A 133 -28.95 0.13 -10.54
C LYS A 133 -27.65 -0.16 -11.25
N MET A 134 -26.85 -1.11 -10.84
CA MET A 134 -25.64 -1.47 -11.55
C MET A 134 -25.90 -2.23 -12.85
N LEU A 135 -24.94 -2.15 -13.76
CA LEU A 135 -24.89 -3.01 -14.95
C LEU A 135 -24.39 -4.37 -14.38
N ALA A 136 -25.30 -5.33 -14.29
CA ALA A 136 -25.14 -6.56 -13.58
C ALA A 136 -23.91 -7.34 -13.89
N ASN A 137 -23.42 -7.37 -15.14
CA ASN A 137 -22.22 -8.15 -15.41
C ASN A 137 -20.98 -7.53 -14.81
N THR A 138 -21.00 -6.26 -14.39
CA THR A 138 -19.85 -5.57 -13.86
C THR A 138 -19.86 -5.61 -12.34
N ASP A 139 -20.86 -6.19 -11.74
CA ASP A 139 -21.01 -6.26 -10.28
C ASP A 139 -20.22 -7.51 -9.78
N THR A 140 -18.91 -7.31 -9.80
CA THR A 140 -18.02 -8.42 -9.49
C THR A 140 -16.62 -7.95 -9.20
N GLU A 141 -15.86 -8.84 -8.46
CA GLU A 141 -14.45 -8.62 -8.32
C GLU A 141 -13.62 -9.38 -9.37
N ASN A 142 -14.28 -10.21 -10.16
CA ASN A 142 -13.59 -10.93 -11.26
C ASN A 142 -13.64 -10.16 -12.56
N LEU A 143 -12.57 -9.51 -12.93
CA LEU A 143 -12.48 -8.69 -14.12
C LEU A 143 -12.71 -9.46 -15.39
N ASP A 144 -12.43 -10.78 -15.37
CA ASP A 144 -12.67 -11.58 -16.57
C ASP A 144 -14.10 -11.54 -17.08
N GLN A 145 -15.07 -11.18 -16.24
CA GLN A 145 -16.44 -11.06 -16.66
C GLN A 145 -16.65 -9.85 -17.57
N PHE A 146 -15.79 -8.85 -17.55
CA PHE A 146 -16.07 -7.65 -18.36
C PHE A 146 -14.87 -7.07 -18.99
N VAL A 147 -13.66 -7.57 -18.63
CA VAL A 147 -12.43 -6.97 -19.21
C VAL A 147 -11.76 -8.05 -20.02
N ALA A 148 -11.49 -7.75 -21.27
CA ALA A 148 -10.84 -8.72 -22.13
C ALA A 148 -9.36 -8.85 -21.74
N PRO A 149 -8.80 -9.99 -22.07
CA PRO A 149 -7.40 -10.30 -21.92
C PRO A 149 -6.49 -9.38 -22.72
N PHE A 150 -5.36 -8.97 -22.19
CA PHE A 150 -4.39 -8.19 -22.86
C PHE A 150 -3.69 -9.19 -23.82
N THR A 151 -3.34 -8.74 -24.96
CA THR A 151 -2.59 -9.53 -25.92
C THR A 151 -1.37 -8.77 -26.44
N GLY A 152 -0.49 -9.58 -27.11
CA GLY A 152 0.69 -8.97 -27.69
C GLY A 152 1.51 -8.13 -26.75
N ASP A 153 1.86 -6.93 -27.19
CA ASP A 153 2.70 -6.01 -26.41
C ASP A 153 1.95 -4.90 -25.71
N GLN A 154 0.68 -5.11 -25.40
CA GLN A 154 -0.18 -4.19 -24.68
C GLN A 154 0.22 -3.90 -23.26
N TRP A 155 1.04 -4.74 -22.66
CA TRP A 155 1.59 -4.48 -21.33
C TRP A 155 2.70 -3.47 -21.34
N LYS A 156 3.24 -3.14 -22.58
CA LYS A 156 4.30 -2.17 -22.70
C LYS A 156 3.84 -0.71 -22.59
N ARG A 157 4.57 0.05 -21.77
CA ARG A 157 4.30 1.42 -21.54
C ARG A 157 4.74 2.30 -22.73
N THR A 158 5.88 2.00 -23.31
CA THR A 158 6.49 2.70 -24.43
C THR A 158 7.07 1.64 -25.37
N LYS A 159 7.50 2.04 -26.59
CA LYS A 159 8.03 0.98 -27.49
C LYS A 159 9.39 0.50 -26.98
N ASP A 160 10.08 1.27 -26.16
CA ASP A 160 11.33 0.96 -25.53
C ASP A 160 11.29 0.28 -24.15
N ASP A 161 10.13 -0.07 -23.64
CA ASP A 161 9.94 -0.73 -22.39
C ASP A 161 10.81 -2.00 -22.36
N LYS A 162 11.68 -2.07 -21.39
CA LYS A 162 12.59 -3.19 -21.19
C LYS A 162 12.15 -4.10 -20.04
N ASN A 163 10.96 -3.95 -19.50
CA ASN A 163 10.51 -4.89 -18.46
C ASN A 163 10.34 -6.27 -19.10
N ILE A 164 10.33 -7.29 -18.32
CA ILE A 164 10.15 -8.62 -18.89
C ILE A 164 8.80 -9.18 -18.49
N LEU A 165 8.01 -9.51 -19.48
CA LEU A 165 6.71 -10.09 -19.24
C LEU A 165 6.93 -11.50 -18.63
N MET A 166 6.18 -11.75 -17.58
CA MET A 166 6.26 -13.00 -16.86
C MET A 166 5.15 -13.92 -17.25
N THR A 167 5.52 -15.05 -17.84
CA THR A 167 4.74 -16.21 -18.22
C THR A 167 5.43 -17.41 -17.55
N PRO A 168 4.89 -18.58 -17.57
CA PRO A 168 5.55 -19.75 -17.03
C PRO A 168 6.89 -19.93 -17.59
N ALA A 169 7.13 -19.81 -18.90
CA ALA A 169 8.48 -19.95 -19.43
C ALA A 169 9.45 -18.88 -19.09
N SER A 170 9.10 -17.60 -18.99
CA SER A 170 10.10 -16.60 -18.65
C SER A 170 10.25 -16.58 -17.12
N ARG A 171 9.19 -16.98 -16.40
CA ARG A 171 9.29 -17.04 -14.94
C ARG A 171 10.23 -18.18 -14.53
N PHE A 172 10.26 -19.28 -15.28
CA PHE A 172 11.17 -20.37 -15.05
C PHE A 172 12.59 -19.89 -15.06
N VAL A 173 12.97 -18.99 -15.96
CA VAL A 173 14.26 -18.42 -16.04
C VAL A 173 14.56 -17.46 -14.90
N SER A 174 13.63 -16.67 -14.45
CA SER A 174 13.88 -15.75 -13.34
C SER A 174 14.04 -16.50 -12.04
N ASN A 175 13.50 -17.73 -11.93
CA ASN A 175 13.60 -18.54 -10.75
C ASN A 175 14.70 -19.63 -10.85
N ALA A 176 15.43 -19.71 -11.92
CA ALA A 176 16.34 -20.81 -12.17
C ALA A 176 17.55 -20.88 -11.25
N ASP A 177 17.94 -19.85 -10.55
CA ASP A 177 18.99 -19.82 -9.57
C ASP A 177 18.58 -20.31 -8.18
N LEU A 178 17.33 -20.58 -7.99
CA LEU A 178 16.74 -21.08 -6.80
C LEU A 178 16.72 -22.62 -6.89
N GLN A 179 16.80 -23.23 -5.76
CA GLN A 179 16.74 -24.67 -5.62
C GLN A 179 16.19 -24.91 -4.21
N THR A 180 15.65 -26.07 -4.01
CA THR A 180 15.13 -26.47 -2.71
C THR A 180 16.26 -26.96 -1.85
N LEU A 181 16.53 -26.35 -0.73
CA LEU A 181 17.58 -26.74 0.20
C LEU A 181 17.11 -27.87 1.08
N PRO A 182 18.05 -28.71 1.48
CA PRO A 182 17.75 -29.79 2.41
C PRO A 182 17.39 -29.18 3.78
N ALA A 183 16.51 -29.77 4.50
CA ALA A 183 16.06 -29.30 5.82
C ALA A 183 17.18 -29.05 6.80
N GLY A 184 18.30 -29.68 6.69
CA GLY A 184 19.44 -29.48 7.56
C GLY A 184 20.03 -28.13 7.44
N ALA A 185 19.95 -27.53 6.23
CA ALA A 185 20.52 -26.22 5.99
C ALA A 185 19.65 -25.12 6.59
N LEU A 186 18.46 -25.42 7.07
CA LEU A 186 17.53 -24.43 7.61
C LEU A 186 17.39 -24.50 9.14
N ARG A 187 18.26 -25.38 9.68
CA ARG A 187 18.28 -25.62 11.12
C ARG A 187 18.89 -24.46 11.86
N GLY A 188 18.18 -24.02 12.94
CA GLY A 188 18.66 -22.87 13.69
C GLY A 188 18.56 -21.56 12.98
N LYS A 189 17.72 -21.45 11.97
CA LYS A 189 17.56 -20.20 11.21
C LYS A 189 16.28 -19.41 11.63
N ILE A 190 16.59 -18.40 12.42
CA ILE A 190 15.64 -17.43 12.95
C ILE A 190 15.54 -16.34 11.81
N VAL A 191 14.42 -15.19 11.52
CA VAL A 191 14.38 -14.31 10.47
C VAL A 191 12.92 -13.57 11.77
N PRO A 192 13.29 -12.38 11.71
CA PRO A 192 14.42 -11.87 10.96
C PRO A 192 15.75 -12.49 11.46
N THR A 193 16.77 -12.43 10.62
CA THR A 193 18.10 -12.87 11.00
C THR A 193 18.61 -12.17 12.22
N PRO A 194 19.05 -12.92 13.24
CA PRO A 194 19.62 -12.38 14.46
C PRO A 194 20.99 -11.80 14.22
N MET A 195 21.38 -10.80 14.99
CA MET A 195 22.67 -10.17 14.84
C MET A 195 23.83 -11.18 14.99
N GLN A 196 23.71 -12.17 15.85
CA GLN A 196 24.75 -13.14 16.11
C GLN A 196 24.12 -14.40 16.66
N VAL A 197 24.50 -15.51 16.04
CA VAL A 197 23.99 -16.82 16.37
C VAL A 197 25.06 -17.90 16.15
N LYS A 198 25.06 -18.83 17.11
CA LYS A 198 25.92 -20.00 17.04
C LYS A 198 24.99 -21.19 17.21
N VAL A 199 24.82 -21.98 16.19
CA VAL A 199 23.99 -23.15 16.20
C VAL A 199 24.89 -24.38 16.55
N HIS A 200 24.37 -25.12 17.49
CA HIS A 200 24.98 -26.32 17.99
C HIS A 200 24.30 -27.54 17.36
N ALA A 201 24.94 -28.70 17.53
CA ALA A 201 24.45 -29.92 16.92
C ALA A 201 23.28 -30.58 17.61
N GLN A 202 22.98 -30.30 18.85
CA GLN A 202 21.81 -30.95 19.50
C GLN A 202 20.53 -30.16 19.23
N ASP A 203 19.39 -30.82 19.22
CA ASP A 203 18.06 -30.25 19.04
C ASP A 203 17.24 -30.31 20.35
N ALA A 204 16.45 -29.31 20.68
CA ALA A 204 15.57 -29.32 21.86
C ALA A 204 14.24 -29.94 21.43
N ASP A 205 13.59 -30.62 22.31
CA ASP A 205 12.35 -31.32 22.03
C ASP A 205 11.18 -30.60 22.68
N LEU A 206 10.30 -30.06 21.84
CA LEU A 206 9.16 -29.30 22.29
C LEU A 206 7.86 -30.09 22.17
N ARG A 207 7.93 -31.37 21.79
CA ARG A 207 6.74 -32.18 21.57
C ARG A 207 5.81 -32.39 22.72
N LYS A 208 6.27 -32.48 23.95
CA LYS A 208 5.40 -32.71 25.11
C LYS A 208 4.96 -31.33 25.66
N GLY A 209 5.49 -30.28 25.03
CA GLY A 209 5.10 -28.94 25.40
C GLY A 209 6.28 -28.18 26.00
N VAL A 210 5.99 -26.92 26.33
CA VAL A 210 6.86 -25.98 26.92
C VAL A 210 6.25 -25.43 28.23
N ALA A 211 7.13 -25.11 29.16
CA ALA A 211 6.65 -24.55 30.45
C ALA A 211 7.24 -23.13 30.45
N LEU A 212 6.37 -22.14 30.32
CA LEU A 212 6.81 -20.76 30.12
C LEU A 212 6.86 -19.93 31.37
N ASP A 213 7.97 -19.27 31.62
CA ASP A 213 8.09 -18.30 32.67
C ASP A 213 7.97 -16.89 32.03
N LEU A 214 6.72 -16.42 32.01
CA LEU A 214 6.38 -15.14 31.40
C LEU A 214 6.11 -14.07 32.41
N SER A 215 6.70 -14.18 33.59
CA SER A 215 6.67 -13.33 34.72
C SER A 215 7.21 -11.92 34.43
N THR A 216 8.10 -11.86 33.47
CA THR A 216 8.68 -10.60 33.06
C THR A 216 7.73 -9.75 32.20
N LEU A 217 6.72 -10.31 31.64
CA LEU A 217 5.81 -9.73 30.71
C LEU A 217 4.47 -9.38 31.37
N VAL A 218 3.90 -8.22 30.97
CA VAL A 218 2.53 -7.93 31.42
C VAL A 218 1.60 -8.99 30.80
N LYS A 219 0.51 -9.28 31.52
CA LYS A 219 -0.37 -10.33 31.16
C LYS A 219 -0.78 -10.40 29.72
N PRO A 220 -1.28 -9.33 29.13
CA PRO A 220 -1.73 -9.31 27.76
C PRO A 220 -0.63 -9.75 26.81
N ALA A 221 0.61 -9.39 27.04
CA ALA A 221 1.77 -9.76 26.24
C ALA A 221 2.14 -11.23 26.39
N ALA A 222 2.06 -11.73 27.64
CA ALA A 222 2.36 -13.13 27.95
C ALA A 222 1.32 -14.01 27.34
N ASP A 223 0.05 -13.58 27.34
CA ASP A 223 -1.01 -14.28 26.64
C ASP A 223 -0.79 -14.35 25.11
N VAL A 224 -0.28 -13.31 24.46
CA VAL A 224 0.02 -13.40 23.03
C VAL A 224 1.03 -14.54 22.78
N VAL A 225 2.06 -14.59 23.59
CA VAL A 225 3.10 -15.63 23.43
C VAL A 225 2.52 -17.01 23.61
N SER A 226 1.73 -17.23 24.66
CA SER A 226 1.16 -18.49 24.97
C SER A 226 0.23 -19.00 23.90
N GLN A 227 -0.58 -18.11 23.33
CA GLN A 227 -1.52 -18.41 22.27
C GLN A 227 -0.71 -18.83 21.00
N ARG A 228 0.37 -18.14 20.72
CA ARG A 228 1.15 -18.40 19.53
C ARG A 228 1.84 -19.75 19.61
N PHE A 229 2.38 -20.14 20.79
CA PHE A 229 2.94 -21.48 20.92
C PHE A 229 1.84 -22.49 20.62
N ALA A 230 0.66 -22.28 21.19
CA ALA A 230 -0.45 -23.20 20.96
C ALA A 230 -0.85 -23.25 19.51
N LEU A 231 -0.87 -22.10 18.82
CA LEU A 231 -1.21 -22.06 17.39
C LEU A 231 -0.30 -22.95 16.54
N LEU A 232 1.00 -22.94 16.83
CA LEU A 232 2.01 -23.67 16.09
C LEU A 232 2.18 -25.12 16.52
N GLY A 233 1.29 -25.59 17.39
CA GLY A 233 1.21 -26.89 17.91
C GLY A 233 1.97 -27.31 19.13
N VAL A 234 2.57 -26.45 19.90
CA VAL A 234 3.31 -26.77 21.12
C VAL A 234 2.41 -26.44 22.32
N PRO A 235 1.80 -27.43 22.92
CA PRO A 235 0.92 -27.20 24.06
C PRO A 235 1.73 -26.62 25.20
N VAL A 236 1.10 -25.87 26.03
CA VAL A 236 1.69 -25.24 27.21
C VAL A 236 1.23 -26.06 28.44
N GLN A 237 2.20 -26.63 29.09
CA GLN A 237 1.91 -27.50 30.28
C GLN A 237 3.13 -27.48 31.15
N THR A 238 3.00 -27.53 32.48
CA THR A 238 4.05 -27.38 33.44
C THR A 238 5.22 -28.34 33.41
N ASN A 239 5.04 -29.51 32.90
CA ASN A 239 5.99 -30.64 32.81
C ASN A 239 6.81 -30.56 31.53
N GLY A 240 6.59 -29.54 30.69
CA GLY A 240 7.27 -29.36 29.46
C GLY A 240 8.65 -28.73 29.55
N TYR A 241 9.24 -28.55 28.37
CA TYR A 241 10.54 -27.91 28.19
C TYR A 241 10.50 -26.50 28.73
N PRO A 242 11.30 -26.19 29.71
CA PRO A 242 11.37 -24.96 30.40
C PRO A 242 12.01 -23.85 29.57
N ILE A 243 11.23 -22.73 29.52
CA ILE A 243 11.73 -21.52 28.85
C ILE A 243 11.70 -20.42 29.91
N LYS A 244 12.85 -19.93 30.30
CA LYS A 244 12.98 -18.93 31.34
C LYS A 244 13.26 -17.55 30.77
N THR A 245 12.73 -16.53 31.45
CA THR A 245 12.85 -15.17 30.99
C THR A 245 13.32 -14.26 32.13
N ASP A 246 14.02 -13.22 31.80
CA ASP A 246 14.52 -12.20 32.65
C ASP A 246 14.80 -10.92 31.89
N ILE A 247 14.67 -9.79 32.55
CA ILE A 247 15.05 -8.50 32.04
C ILE A 247 16.28 -7.97 32.74
N GLN A 248 17.34 -7.66 32.08
CA GLN A 248 18.58 -7.20 32.58
C GLN A 248 19.25 -6.16 31.71
N PRO A 249 18.82 -4.93 31.80
CA PRO A 249 19.34 -3.81 31.06
C PRO A 249 20.82 -3.60 31.15
N GLY A 250 21.44 -3.85 32.33
CA GLY A 250 22.84 -3.72 32.52
C GLY A 250 23.79 -4.61 31.77
N LYS A 251 23.38 -5.71 31.16
CA LYS A 251 24.16 -6.62 30.38
C LYS A 251 24.34 -6.17 28.92
N PHE A 252 23.65 -5.08 28.59
CA PHE A 252 23.69 -4.56 27.23
C PHE A 252 24.41 -3.24 27.23
N LYS A 253 25.33 -3.06 26.28
CA LYS A 253 26.11 -1.83 26.21
C LYS A 253 26.10 -1.25 24.80
N GLY A 254 26.31 0.06 24.66
CA GLY A 254 26.38 0.82 23.48
C GLY A 254 25.12 0.83 22.62
N ALA A 255 25.25 0.24 21.43
CA ALA A 255 24.17 0.17 20.45
C ALA A 255 23.34 -1.08 20.54
N MET A 256 23.67 -2.05 21.38
CA MET A 256 22.84 -3.19 21.64
C MET A 256 21.91 -2.86 22.85
N ALA A 257 22.22 -1.70 23.48
CA ALA A 257 21.44 -1.29 24.66
C ALA A 257 20.29 -0.40 24.20
N VAL A 258 19.36 -1.12 23.54
CA VAL A 258 18.16 -0.53 22.96
C VAL A 258 16.99 -1.44 23.13
N SER A 259 15.79 -0.82 23.07
CA SER A 259 14.57 -1.59 23.20
C SER A 259 14.44 -2.70 22.17
N GLY A 260 14.10 -3.89 22.65
CA GLY A 260 13.96 -5.03 21.80
C GLY A 260 15.19 -5.94 21.74
N ALA A 261 16.28 -5.49 22.30
CA ALA A 261 17.49 -6.35 22.37
C ALA A 261 17.30 -7.48 23.33
N TYR A 262 17.93 -8.65 23.07
CA TYR A 262 17.84 -9.81 23.86
C TYR A 262 19.03 -10.77 23.61
N GLU A 263 19.19 -11.63 24.60
CA GLU A 263 20.12 -12.75 24.55
C GLU A 263 19.28 -13.99 24.65
N LEU A 264 19.62 -14.93 23.78
CA LEU A 264 18.86 -16.15 23.72
C LEU A 264 19.82 -17.36 23.79
N LYS A 265 19.39 -18.27 24.63
CA LYS A 265 20.13 -19.53 24.78
C LYS A 265 19.15 -20.67 24.72
N ILE A 266 19.25 -21.52 23.64
CA ILE A 266 18.36 -22.67 23.56
C ILE A 266 19.21 -23.94 23.90
N GLY A 267 18.84 -24.60 25.00
CA GLY A 267 19.60 -25.80 25.40
C GLY A 267 18.79 -27.05 25.24
N LYS A 268 19.39 -28.24 25.49
CA LYS A 268 18.57 -29.47 25.37
C LYS A 268 17.57 -29.62 26.49
N LYS A 269 17.86 -29.10 27.68
CA LYS A 269 16.96 -29.26 28.81
C LYS A 269 16.11 -28.06 29.11
N GLU A 270 16.52 -26.89 28.65
CA GLU A 270 15.80 -25.67 28.87
C GLU A 270 16.31 -24.51 28.00
N ALA A 271 15.42 -23.48 27.96
CA ALA A 271 15.85 -22.27 27.26
C ALA A 271 15.78 -21.09 28.18
N GLN A 272 16.51 -20.02 27.87
CA GLN A 272 16.53 -18.79 28.60
C GLN A 272 16.57 -17.56 27.69
N VAL A 273 15.60 -16.65 27.91
CA VAL A 273 15.61 -15.35 27.21
C VAL A 273 15.93 -14.21 28.19
N ILE A 274 16.95 -13.42 27.94
CA ILE A 274 17.30 -12.27 28.68
C ILE A 274 17.07 -11.00 27.82
N GLY A 275 16.09 -10.20 28.18
CA GLY A 275 15.89 -9.01 27.35
C GLY A 275 16.40 -7.78 28.01
N PHE A 276 16.64 -6.75 27.22
CA PHE A 276 16.99 -5.44 27.68
C PHE A 276 15.74 -4.81 28.37
N ASP A 277 14.61 -5.24 27.86
CA ASP A 277 13.30 -4.80 28.27
C ASP A 277 12.25 -5.81 27.94
N GLN A 278 10.96 -5.52 28.15
CA GLN A 278 9.88 -6.40 27.85
C GLN A 278 9.79 -6.71 26.35
N ALA A 279 10.06 -5.72 25.52
CA ALA A 279 10.03 -5.93 24.05
C ALA A 279 11.08 -6.98 23.71
N GLY A 280 12.23 -6.83 24.31
CA GLY A 280 13.36 -7.74 24.15
C GLY A 280 13.05 -9.14 24.56
N VAL A 281 12.36 -9.35 25.68
CA VAL A 281 11.92 -10.67 26.08
C VAL A 281 10.89 -11.19 25.06
N PHE A 282 9.85 -10.40 24.75
CA PHE A 282 8.84 -10.73 23.80
C PHE A 282 9.45 -11.16 22.44
N TYR A 283 10.41 -10.47 21.93
CA TYR A 283 11.14 -10.72 20.75
C TYR A 283 12.01 -11.97 20.84
N GLY A 284 12.63 -12.24 22.00
CA GLY A 284 13.41 -13.47 22.12
C GLY A 284 12.42 -14.63 22.05
N LEU A 285 11.22 -14.52 22.56
CA LEU A 285 10.20 -15.54 22.52
C LEU A 285 9.70 -15.77 21.10
N GLN A 286 9.59 -14.68 20.32
CA GLN A 286 9.19 -14.80 18.90
C GLN A 286 10.28 -15.46 18.03
N SER A 287 11.54 -15.34 18.33
CA SER A 287 12.67 -16.01 17.73
C SER A 287 12.61 -17.53 18.00
N ILE A 288 12.17 -17.97 19.16
CA ILE A 288 11.99 -19.42 19.41
C ILE A 288 10.84 -19.93 18.58
N LEU A 289 9.74 -19.17 18.59
CA LEU A 289 8.57 -19.45 17.80
C LEU A 289 8.87 -19.52 16.30
N SER A 290 9.78 -18.73 15.76
CA SER A 290 10.21 -18.77 14.40
C SER A 290 10.96 -20.07 14.02
N LEU A 291 11.60 -20.69 14.97
CA LEU A 291 12.29 -21.97 14.75
C LEU A 291 11.36 -23.15 14.72
N VAL A 292 10.19 -23.12 15.36
CA VAL A 292 9.23 -24.22 15.37
C VAL A 292 8.86 -24.60 13.94
N PRO A 293 9.07 -25.85 13.56
CA PRO A 293 8.94 -26.30 12.17
C PRO A 293 7.51 -26.49 11.80
N SER A 294 7.24 -26.57 10.50
CA SER A 294 5.90 -26.74 9.98
C SER A 294 5.56 -28.16 9.57
N ASP A 295 6.40 -29.08 10.00
CA ASP A 295 6.36 -30.49 9.80
C ASP A 295 5.89 -31.31 10.99
N GLY A 296 5.39 -30.77 12.10
CA GLY A 296 4.89 -31.52 13.20
C GLY A 296 5.91 -32.12 14.15
N SER A 297 7.16 -32.13 13.80
CA SER A 297 8.34 -32.61 14.41
C SER A 297 8.71 -32.02 15.75
N GLY A 298 8.23 -30.86 16.14
CA GLY A 298 8.51 -30.32 17.45
C GLY A 298 9.94 -30.13 17.80
N LYS A 299 10.90 -30.19 16.89
CA LYS A 299 12.28 -29.96 17.16
C LYS A 299 12.87 -28.70 16.60
N ILE A 300 13.70 -28.09 17.45
CA ILE A 300 14.38 -26.87 17.14
C ILE A 300 15.85 -27.04 17.54
N ALA A 301 16.72 -26.34 16.85
CA ALA A 301 18.12 -26.42 17.12
C ALA A 301 18.45 -25.73 18.44
N THR A 302 19.46 -26.31 19.14
CA THR A 302 20.07 -25.66 20.25
C THR A 302 20.99 -24.57 19.65
N LEU A 303 21.06 -23.46 20.32
CA LEU A 303 21.80 -22.32 19.85
C LEU A 303 21.99 -21.25 20.90
N ASP A 304 22.92 -20.34 20.69
CA ASP A 304 23.20 -19.18 21.43
C ASP A 304 23.08 -18.00 20.43
N ALA A 305 22.20 -17.05 20.77
CA ALA A 305 22.07 -15.87 19.88
C ALA A 305 22.11 -14.62 20.73
N SER A 306 22.57 -13.52 20.15
CA SER A 306 22.48 -12.22 20.73
C SER A 306 21.92 -11.27 19.65
N ASP A 307 20.89 -10.48 19.99
CA ASP A 307 20.22 -9.74 18.87
C ASP A 307 19.75 -8.37 19.31
N ALA A 308 19.51 -7.49 18.35
CA ALA A 308 18.97 -6.17 18.59
C ALA A 308 18.62 -5.61 17.19
N PRO A 309 17.64 -4.76 17.13
CA PRO A 309 17.14 -4.24 15.83
C PRO A 309 18.08 -3.28 15.23
N ARG A 310 18.31 -3.22 13.92
CA ARG A 310 19.14 -2.25 13.28
C ARG A 310 18.48 -0.85 13.31
N PHE A 311 17.15 -0.85 13.33
CA PHE A 311 16.38 0.39 13.36
C PHE A 311 15.31 0.30 14.45
N PRO A 312 15.03 1.40 15.15
CA PRO A 312 14.02 1.50 16.15
C PRO A 312 12.60 1.58 15.61
N TYR A 313 12.48 1.96 14.34
CA TYR A 313 11.24 2.11 13.60
C TYR A 313 11.15 1.13 12.42
N ARG A 314 10.32 0.12 12.57
CA ARG A 314 10.12 -0.92 11.57
C ARG A 314 8.62 -1.03 11.34
N GLY A 315 8.17 -0.24 10.29
CA GLY A 315 6.78 -0.01 10.11
C GLY A 315 6.11 -0.65 8.94
N ILE A 316 4.80 -0.77 9.09
CA ILE A 316 3.78 -1.15 8.18
C ILE A 316 2.69 0.03 8.26
N PHE A 317 2.44 0.58 7.13
CA PHE A 317 1.41 1.58 6.86
C PHE A 317 0.22 0.93 6.18
N LEU A 318 -1.01 1.22 6.64
CA LEU A 318 -2.25 0.80 6.16
C LEU A 318 -3.25 1.98 5.87
N ASP A 319 -3.72 2.05 4.64
CA ASP A 319 -4.82 2.91 4.21
C ASP A 319 -6.16 2.25 4.34
N VAL A 320 -7.06 2.72 5.21
CA VAL A 320 -8.35 2.25 5.47
C VAL A 320 -9.40 3.27 4.93
N ALA A 321 -8.86 4.33 4.37
CA ALA A 321 -9.69 5.43 3.86
C ALA A 321 -10.18 5.22 2.46
N ARG A 322 -9.28 4.79 1.55
CA ARG A 322 -9.66 4.56 0.16
C ARG A 322 -10.73 3.50 0.12
N ASN A 323 -10.50 2.40 0.79
CA ASN A 323 -11.44 1.31 0.92
C ASN A 323 -11.22 0.82 2.37
N PHE A 324 -12.30 0.60 3.04
CA PHE A 324 -12.24 0.24 4.45
C PHE A 324 -11.77 -1.20 4.61
N HIS A 325 -11.09 -1.48 5.71
CA HIS A 325 -10.65 -2.82 6.07
C HIS A 325 -11.09 -3.03 7.53
N LYS A 326 -11.74 -4.12 7.73
CA LYS A 326 -12.34 -4.47 8.99
C LYS A 326 -11.34 -4.73 10.11
N LYS A 327 -11.89 -4.54 11.33
CA LYS A 327 -11.18 -4.68 12.57
C LYS A 327 -10.44 -6.05 12.62
N ASP A 328 -11.13 -7.09 12.21
CA ASP A 328 -10.55 -8.44 12.16
C ASP A 328 -9.31 -8.52 11.29
N ALA A 329 -9.22 -7.85 10.14
CA ALA A 329 -8.10 -7.84 9.26
C ALA A 329 -6.94 -7.04 9.83
N VAL A 330 -7.22 -5.92 10.48
CA VAL A 330 -6.24 -5.14 11.16
C VAL A 330 -5.58 -6.00 12.26
N LEU A 331 -6.40 -6.71 13.02
CA LEU A 331 -5.86 -7.56 14.09
C LEU A 331 -4.95 -8.65 13.51
N ARG A 332 -5.37 -9.36 12.47
CA ARG A 332 -4.51 -10.35 11.82
C ARG A 332 -3.17 -9.80 11.35
N LEU A 333 -3.21 -8.57 10.84
CA LEU A 333 -2.07 -7.85 10.41
C LEU A 333 -1.14 -7.60 11.62
N LEU A 334 -1.72 -7.19 12.73
CA LEU A 334 -0.91 -6.95 13.93
C LEU A 334 -0.30 -8.24 14.49
N ASP A 335 -0.96 -9.34 14.48
CA ASP A 335 -0.44 -10.62 14.85
C ASP A 335 0.82 -10.97 14.06
N GLN A 336 0.74 -10.83 12.72
CA GLN A 336 1.87 -11.15 11.87
C GLN A 336 2.98 -10.23 12.05
N MET A 337 2.66 -8.90 12.28
CA MET A 337 3.70 -7.94 12.54
C MET A 337 4.52 -8.38 13.77
N ALA A 338 3.89 -8.74 14.86
CA ALA A 338 4.51 -9.10 16.09
C ALA A 338 5.40 -10.36 15.91
N ALA A 339 4.91 -11.31 15.14
CA ALA A 339 5.68 -12.48 14.81
C ALA A 339 6.97 -12.20 14.10
N TYR A 340 7.15 -11.13 13.32
CA TYR A 340 8.38 -10.84 12.60
C TYR A 340 9.08 -9.60 12.99
N LYS A 341 8.72 -9.10 14.22
CA LYS A 341 9.30 -8.04 14.95
C LYS A 341 9.10 -6.61 14.44
N LEU A 342 8.02 -6.44 13.66
CA LEU A 342 7.67 -5.09 13.14
C LEU A 342 6.94 -4.38 14.28
N ASN A 343 7.29 -3.14 14.56
CA ASN A 343 6.81 -2.47 15.77
C ASN A 343 6.09 -1.17 15.62
N LYS A 344 5.91 -0.67 14.39
CA LYS A 344 5.23 0.61 14.17
C LYS A 344 4.09 0.38 13.18
N PHE A 345 2.88 0.71 13.53
CA PHE A 345 1.70 0.63 12.71
C PHE A 345 1.22 2.08 12.40
N HIS A 346 1.50 2.55 11.20
CA HIS A 346 1.13 3.87 10.70
C HIS A 346 -0.26 3.74 10.06
N PHE A 347 -1.29 4.29 10.71
CA PHE A 347 -2.67 4.08 10.45
C PHE A 347 -3.28 5.28 9.71
N HIS A 348 -3.52 5.11 8.40
CA HIS A 348 -4.04 6.23 7.57
C HIS A 348 -5.55 6.20 7.65
N LEU A 349 -6.15 6.93 8.56
CA LEU A 349 -7.52 6.92 8.95
C LEU A 349 -8.48 7.77 8.17
N SER A 350 -7.86 8.68 7.38
CA SER A 350 -8.66 9.57 6.55
C SER A 350 -7.98 9.92 5.28
N ASP A 351 -8.76 10.26 4.27
CA ASP A 351 -8.21 10.78 3.01
C ASP A 351 -9.39 11.46 2.29
N ASP A 352 -9.29 11.59 0.99
CA ASP A 352 -10.38 12.22 0.24
C ASP A 352 -11.65 11.46 0.31
N GLU A 353 -11.53 10.10 0.25
CA GLU A 353 -12.64 9.23 0.04
C GLU A 353 -13.24 8.57 1.25
N GLY A 354 -12.78 8.91 2.44
CA GLY A 354 -13.33 8.32 3.64
C GLY A 354 -12.67 8.81 4.89
N TRP A 355 -13.39 8.77 5.97
CA TRP A 355 -12.96 9.20 7.28
C TRP A 355 -13.38 8.05 8.19
N ARG A 356 -12.40 7.41 8.85
CA ARG A 356 -12.66 6.13 9.48
C ARG A 356 -12.54 6.03 11.00
N ILE A 357 -12.55 7.11 11.71
CA ILE A 357 -12.43 7.15 13.16
C ILE A 357 -13.52 8.07 13.75
N GLU A 358 -14.38 7.50 14.57
CA GLU A 358 -15.36 8.21 15.36
C GLU A 358 -14.72 9.23 16.32
N ILE A 359 -15.18 10.49 16.17
CA ILE A 359 -14.69 11.61 16.90
C ILE A 359 -15.84 12.23 17.72
N PRO A 360 -15.79 12.06 19.02
CA PRO A 360 -16.82 12.62 19.91
C PRO A 360 -17.00 14.10 19.68
N GLY A 361 -18.24 14.54 19.40
CA GLY A 361 -18.54 15.93 19.12
C GLY A 361 -18.59 16.35 17.68
N LEU A 362 -18.15 15.49 16.75
CA LEU A 362 -18.11 15.78 15.31
C LEU A 362 -18.66 14.58 14.55
N PRO A 363 -19.89 14.20 14.81
CA PRO A 363 -20.54 13.07 14.26
C PRO A 363 -20.55 13.06 12.75
N GLU A 364 -20.60 14.17 12.05
CA GLU A 364 -20.66 14.18 10.58
C GLU A 364 -19.44 13.50 9.97
N LEU A 365 -18.30 13.47 10.66
CA LEU A 365 -17.04 12.88 10.13
C LEU A 365 -17.24 11.43 9.76
N THR A 366 -17.96 10.66 10.54
CA THR A 366 -18.33 9.29 10.30
C THR A 366 -19.69 9.08 9.71
N GLU A 367 -20.73 9.85 10.05
CA GLU A 367 -22.03 9.75 9.50
C GLU A 367 -22.06 10.07 7.98
N VAL A 368 -21.29 11.08 7.64
CA VAL A 368 -21.09 11.47 6.25
C VAL A 368 -19.74 10.95 5.74
N GLY A 369 -18.63 11.28 6.24
CA GLY A 369 -17.32 10.91 5.73
C GLY A 369 -17.02 9.44 5.72
N GLY A 370 -17.77 8.69 6.52
CA GLY A 370 -17.63 7.28 6.71
C GLY A 370 -18.36 6.44 5.74
N GLN A 371 -19.09 7.07 4.78
CA GLN A 371 -19.79 6.30 3.80
C GLN A 371 -19.91 7.02 2.47
N ARG A 372 -19.91 6.24 1.39
CA ARG A 372 -20.03 6.70 0.04
C ARG A 372 -21.31 6.19 -0.57
N CYS A 373 -22.04 6.99 -1.35
CA CYS A 373 -23.26 6.58 -1.95
C CYS A 373 -23.61 7.65 -3.02
N HIS A 374 -24.53 7.22 -3.87
CA HIS A 374 -24.89 8.16 -4.96
C HIS A 374 -25.83 9.20 -4.38
N ASP A 375 -25.24 10.26 -3.87
CA ASP A 375 -25.84 11.42 -3.27
C ASP A 375 -25.08 12.64 -3.79
N LEU A 376 -25.70 13.25 -4.84
CA LEU A 376 -25.05 14.35 -5.53
C LEU A 376 -24.93 15.59 -4.67
N SER A 377 -25.75 15.71 -3.65
CA SER A 377 -25.72 16.80 -2.69
C SER A 377 -24.68 16.57 -1.59
N GLU A 378 -24.15 15.35 -1.46
CA GLU A 378 -23.21 14.98 -0.44
C GLU A 378 -23.59 15.50 0.94
N THR A 379 -24.84 15.24 1.32
CA THR A 379 -25.36 15.57 2.63
C THR A 379 -25.44 14.38 3.54
N THR A 380 -25.49 13.14 3.01
CA THR A 380 -25.63 11.92 3.75
C THR A 380 -24.48 10.96 3.46
N CYS A 381 -23.79 11.19 2.34
CA CYS A 381 -22.66 10.41 1.87
C CYS A 381 -21.64 11.24 1.08
N LEU A 382 -20.43 10.73 0.94
CA LEU A 382 -19.47 11.21 -0.04
C LEU A 382 -19.83 10.50 -1.40
N LEU A 383 -19.47 11.13 -2.51
CA LEU A 383 -19.77 10.54 -3.81
C LEU A 383 -19.05 9.18 -3.93
N PRO A 384 -19.61 8.29 -4.67
CA PRO A 384 -19.00 6.98 -4.90
C PRO A 384 -17.66 7.14 -5.57
N GLN A 385 -16.74 6.26 -5.16
CA GLN A 385 -15.43 6.12 -5.67
C GLN A 385 -14.99 4.64 -5.63
N TYR A 386 -14.09 4.25 -6.50
CA TYR A 386 -13.37 3.01 -6.49
C TYR A 386 -14.13 1.76 -6.79
N GLY A 387 -15.22 1.81 -7.55
CA GLY A 387 -15.94 0.69 -8.02
C GLY A 387 -16.60 -0.18 -6.99
N GLN A 388 -17.21 0.44 -5.98
CA GLN A 388 -17.92 -0.27 -4.94
C GLN A 388 -19.44 -0.24 -5.10
N GLY A 389 -19.95 0.26 -6.23
CA GLY A 389 -21.36 0.37 -6.52
C GLY A 389 -21.90 1.75 -6.04
N PRO A 390 -23.14 2.00 -6.36
CA PRO A 390 -23.82 3.24 -6.06
C PRO A 390 -24.45 3.26 -4.68
N ASP A 391 -24.73 2.13 -4.05
CA ASP A 391 -25.41 2.09 -2.77
C ASP A 391 -24.41 2.35 -1.65
N VAL A 392 -24.88 2.54 -0.44
CA VAL A 392 -24.01 2.79 0.71
C VAL A 392 -22.86 1.79 0.81
N TYR A 393 -21.65 2.31 0.83
CA TYR A 393 -20.42 1.58 1.00
C TYR A 393 -19.54 2.33 2.00
N GLY A 394 -19.16 1.63 3.09
CA GLY A 394 -18.29 2.34 4.04
C GLY A 394 -18.09 1.59 5.34
N GLY A 395 -17.72 2.31 6.37
CA GLY A 395 -17.46 1.77 7.67
C GLY A 395 -16.48 2.70 8.35
N PHE A 396 -16.32 2.52 9.64
CA PHE A 396 -15.37 3.29 10.42
C PHE A 396 -15.16 2.60 11.76
N PHE A 397 -14.10 2.85 12.43
CA PHE A 397 -13.83 2.33 13.76
C PHE A 397 -14.50 3.28 14.78
N SER A 398 -15.37 2.69 15.58
CA SER A 398 -15.97 3.43 16.70
C SER A 398 -14.84 3.71 17.69
N ARG A 399 -15.09 4.54 18.70
CA ARG A 399 -14.11 4.89 19.71
C ARG A 399 -13.60 3.64 20.45
N GLN A 400 -14.55 2.74 20.74
CA GLN A 400 -14.19 1.50 21.38
C GLN A 400 -13.42 0.55 20.47
N ASP A 401 -13.78 0.37 19.22
CA ASP A 401 -13.04 -0.40 18.25
C ASP A 401 -11.58 0.04 18.21
N TYR A 402 -11.42 1.38 18.16
CA TYR A 402 -10.10 1.97 18.09
C TYR A 402 -9.26 1.67 19.33
N ILE A 403 -9.85 1.86 20.51
CA ILE A 403 -9.22 1.58 21.78
C ILE A 403 -8.84 0.07 21.78
N ASP A 404 -9.69 -0.79 21.28
CA ASP A 404 -9.38 -2.20 21.17
C ASP A 404 -8.15 -2.49 20.34
N ILE A 405 -8.06 -1.87 19.17
CA ILE A 405 -6.94 -2.05 18.30
C ILE A 405 -5.69 -1.57 18.97
N ILE A 406 -5.71 -0.44 19.68
CA ILE A 406 -4.53 0.04 20.34
C ILE A 406 -4.07 -0.93 21.46
N LYS A 407 -5.03 -1.46 22.21
CA LYS A 407 -4.68 -2.40 23.26
C LYS A 407 -4.05 -3.68 22.66
N TYR A 408 -4.58 -4.14 21.54
CA TYR A 408 -4.11 -5.28 20.81
C TYR A 408 -2.69 -5.10 20.33
N ALA A 409 -2.37 -3.96 19.76
CA ALA A 409 -1.06 -3.59 19.34
C ALA A 409 -0.12 -3.49 20.52
N GLN A 410 -0.50 -2.91 21.62
CA GLN A 410 0.32 -2.69 22.80
C GLN A 410 0.80 -3.99 23.41
N ALA A 411 -0.01 -4.99 23.48
CA ALA A 411 0.35 -6.35 23.91
C ALA A 411 1.42 -7.04 23.04
N ARG A 412 1.42 -6.60 21.77
CA ARG A 412 2.31 -7.06 20.76
C ARG A 412 3.48 -6.20 20.51
N GLN A 413 3.76 -5.19 21.39
CA GLN A 413 4.86 -4.31 21.35
C GLN A 413 4.88 -3.37 20.12
N ILE A 414 3.69 -3.10 19.61
CA ILE A 414 3.50 -2.25 18.45
C ILE A 414 2.90 -0.89 18.82
N GLU A 415 3.57 0.17 18.43
CA GLU A 415 3.14 1.52 18.56
C GLU A 415 2.21 1.95 17.36
N VAL A 416 1.04 2.40 17.71
CA VAL A 416 0.03 2.90 16.78
C VAL A 416 0.24 4.41 16.60
N ILE A 417 0.51 4.77 15.33
CA ILE A 417 0.73 6.09 14.83
C ILE A 417 -0.44 6.53 13.91
N PRO A 418 -1.36 7.32 14.45
CA PRO A 418 -2.48 7.84 13.72
C PRO A 418 -2.02 8.98 12.78
N GLU A 419 -2.51 8.86 11.54
CA GLU A 419 -2.40 9.83 10.49
C GLU A 419 -3.80 10.37 10.06
N ILE A 420 -3.92 11.68 10.18
CA ILE A 420 -5.03 12.49 9.68
C ILE A 420 -4.44 13.45 8.62
N ASP A 421 -4.36 13.06 7.35
CA ASP A 421 -3.75 13.72 6.24
C ASP A 421 -4.36 15.14 5.99
N MET A 422 -3.49 16.08 5.91
CA MET A 422 -3.73 17.50 5.70
C MET A 422 -2.48 18.18 5.21
N PRO A 423 -2.58 19.33 4.54
CA PRO A 423 -3.78 20.00 4.15
C PRO A 423 -4.44 19.58 2.85
N ALA A 424 -3.84 18.73 2.05
CA ALA A 424 -4.50 18.10 0.90
C ALA A 424 -5.00 16.71 1.39
N HIS A 425 -5.55 15.91 0.53
CA HIS A 425 -6.11 14.62 0.89
C HIS A 425 -7.07 14.73 2.04
N ALA A 426 -7.93 15.73 2.11
CA ALA A 426 -8.83 16.05 3.20
C ALA A 426 -10.27 16.27 2.77
N ARG A 427 -10.67 15.68 1.62
CA ARG A 427 -12.06 15.86 1.17
C ARG A 427 -13.07 15.28 2.10
N ALA A 428 -12.88 14.10 2.71
CA ALA A 428 -13.90 13.57 3.59
C ALA A 428 -14.18 14.58 4.71
N ALA A 429 -13.12 15.09 5.33
CA ALA A 429 -13.23 16.05 6.40
C ALA A 429 -13.92 17.36 5.94
N VAL A 430 -13.48 17.93 4.82
CA VAL A 430 -14.02 19.16 4.28
C VAL A 430 -15.50 19.04 3.95
N VAL A 431 -15.88 18.01 3.23
CA VAL A 431 -17.29 17.79 2.87
C VAL A 431 -18.14 17.47 4.06
N SER A 432 -17.62 16.71 5.03
CA SER A 432 -18.37 16.44 6.24
C SER A 432 -18.62 17.72 7.06
N MET A 433 -17.61 18.60 7.16
CA MET A 433 -17.71 19.83 7.91
C MET A 433 -18.62 20.83 7.20
N GLU A 434 -18.78 20.68 5.89
CA GLU A 434 -19.75 21.42 5.11
C GLU A 434 -21.17 20.93 5.37
N ALA A 435 -21.44 19.63 5.50
CA ALA A 435 -22.70 19.08 5.86
C ALA A 435 -23.10 19.51 7.30
N ARG A 436 -22.10 19.60 8.17
CA ARG A 436 -22.25 20.13 9.50
C ARG A 436 -22.61 21.63 9.50
N TYR A 437 -21.92 22.40 8.70
CA TYR A 437 -22.18 23.78 8.52
C TYR A 437 -23.63 23.98 8.06
N LYS A 438 -24.07 23.26 7.06
CA LYS A 438 -25.43 23.40 6.56
C LYS A 438 -26.47 23.05 7.56
N LYS A 439 -26.30 21.95 8.27
CA LYS A 439 -27.26 21.47 9.23
C LYS A 439 -27.49 22.47 10.38
N LEU A 440 -26.36 23.03 10.87
CA LEU A 440 -26.43 23.90 12.02
C LEU A 440 -26.92 25.30 11.57
N HIS A 441 -26.49 25.71 10.42
CA HIS A 441 -26.94 26.94 9.81
C HIS A 441 -28.46 26.91 9.63
N ALA A 442 -29.01 25.80 9.26
CA ALA A 442 -30.46 25.67 9.14
C ALA A 442 -31.21 25.85 10.44
N ALA A 443 -30.62 25.48 11.58
CA ALA A 443 -31.27 25.61 12.87
C ALA A 443 -31.02 27.00 13.45
N GLY A 444 -30.31 27.85 12.74
CA GLY A 444 -29.96 29.17 13.07
C GLY A 444 -28.81 29.27 14.05
N LYS A 445 -28.04 28.20 14.14
CA LYS A 445 -26.89 28.16 15.08
C LYS A 445 -25.59 28.46 14.35
N GLU A 446 -25.38 29.72 13.95
CA GLU A 446 -24.33 30.16 13.10
C GLU A 446 -22.93 30.07 13.68
N GLN A 447 -22.77 30.32 14.96
CA GLN A 447 -21.42 30.22 15.54
C GLN A 447 -21.02 28.75 15.60
N GLU A 448 -21.95 27.87 15.96
CA GLU A 448 -21.70 26.43 15.98
C GLU A 448 -21.38 25.89 14.59
N ALA A 449 -22.07 26.38 13.59
CA ALA A 449 -21.90 25.98 12.22
C ALA A 449 -20.52 26.26 11.63
N ASN A 450 -19.96 27.39 12.00
CA ASN A 450 -18.70 27.88 11.59
C ASN A 450 -17.53 27.44 12.47
N GLU A 451 -17.82 26.89 13.64
CA GLU A 451 -16.78 26.51 14.58
C GLU A 451 -15.72 25.61 13.94
N PHE A 452 -16.12 24.58 13.20
CA PHE A 452 -15.10 23.64 12.68
C PHE A 452 -15.13 23.61 11.19
N ARG A 453 -15.64 24.67 10.58
CA ARG A 453 -15.69 24.77 9.14
C ARG A 453 -14.31 24.82 8.54
N LEU A 454 -14.10 24.07 7.42
CA LEU A 454 -12.81 23.93 6.80
C LEU A 454 -12.66 24.60 5.42
N VAL A 455 -13.67 25.40 5.10
CA VAL A 455 -13.80 26.15 3.88
C VAL A 455 -13.92 27.66 4.18
N ASP A 456 -13.20 28.41 3.40
CA ASP A 456 -13.30 29.85 3.24
C ASP A 456 -14.32 30.06 2.10
N PRO A 457 -15.49 30.54 2.41
CA PRO A 457 -16.59 30.75 1.50
C PRO A 457 -16.29 31.70 0.36
N THR A 458 -15.23 32.48 0.42
CA THR A 458 -14.80 33.40 -0.58
C THR A 458 -13.89 32.77 -1.64
N ASP A 459 -13.37 31.58 -1.28
CA ASP A 459 -12.40 30.86 -2.05
C ASP A 459 -13.05 30.23 -3.29
N THR A 460 -12.57 30.71 -4.42
CA THR A 460 -12.91 30.26 -5.73
C THR A 460 -11.71 29.68 -6.47
N SER A 461 -10.71 29.21 -5.74
CA SER A 461 -9.47 28.72 -6.41
C SER A 461 -9.83 27.58 -7.35
N ASN A 462 -9.23 27.57 -8.51
CA ASN A 462 -9.38 26.48 -9.47
C ASN A 462 -8.11 25.62 -9.42
N THR A 463 -8.23 24.51 -8.72
CA THR A 463 -7.09 23.64 -8.47
C THR A 463 -7.45 22.20 -8.62
N THR A 464 -6.63 21.37 -9.24
CA THR A 464 -6.91 19.96 -9.44
C THR A 464 -5.95 19.09 -8.62
N SER A 465 -6.47 18.19 -7.80
CA SER A 465 -5.65 17.32 -6.98
C SER A 465 -5.12 16.18 -7.82
N VAL A 466 -4.15 15.44 -7.24
CA VAL A 466 -3.54 14.30 -7.90
C VAL A 466 -4.55 13.26 -8.37
N GLN A 467 -5.62 13.04 -7.60
CA GLN A 467 -6.67 12.10 -7.88
C GLN A 467 -7.90 12.74 -8.52
N PHE A 468 -7.70 13.99 -9.02
CA PHE A 468 -8.64 14.72 -9.75
C PHE A 468 -9.86 15.22 -9.01
N PHE A 469 -9.70 15.61 -7.81
CA PHE A 469 -10.67 16.32 -6.96
C PHE A 469 -10.42 17.81 -7.21
N ASN A 470 -11.23 18.73 -6.81
CA ASN A 470 -10.99 20.16 -6.96
C ASN A 470 -10.66 20.72 -5.56
N ARG A 471 -11.05 22.02 -5.35
CA ARG A 471 -10.62 22.66 -4.12
C ARG A 471 -11.18 22.10 -2.86
N GLN A 472 -12.25 21.28 -2.91
CA GLN A 472 -12.76 20.65 -1.75
C GLN A 472 -11.85 19.60 -1.13
N SER A 473 -10.81 19.17 -1.84
CA SER A 473 -9.85 18.23 -1.29
C SER A 473 -8.88 18.91 -0.35
N TYR A 474 -8.77 20.26 -0.41
CA TYR A 474 -7.78 20.98 0.34
C TYR A 474 -8.38 21.75 1.51
N LEU A 475 -8.12 21.29 2.71
CA LEU A 475 -8.57 22.00 3.93
C LEU A 475 -7.82 23.33 3.91
N ASN A 476 -8.48 24.38 4.36
CA ASN A 476 -7.87 25.72 4.31
C ASN A 476 -7.01 25.93 5.54
N PRO A 477 -5.71 26.10 5.36
CA PRO A 477 -4.75 26.19 6.40
C PRO A 477 -4.71 27.55 7.12
N CYS A 478 -5.41 28.53 6.61
CA CYS A 478 -5.39 29.86 7.12
C CYS A 478 -6.53 30.24 8.03
N LEU A 479 -7.51 29.38 8.14
CA LEU A 479 -8.67 29.62 8.96
C LEU A 479 -8.43 29.29 10.43
N ASP A 480 -8.99 30.07 11.32
CA ASP A 480 -8.95 29.74 12.75
C ASP A 480 -9.84 28.53 13.03
N SER A 481 -10.89 28.26 12.28
CA SER A 481 -11.72 27.10 12.44
C SER A 481 -10.99 25.79 12.12
N SER A 482 -10.05 25.83 11.23
CA SER A 482 -9.25 24.70 10.79
C SER A 482 -8.32 24.24 11.94
N GLN A 483 -7.76 25.20 12.64
CA GLN A 483 -6.92 24.96 13.80
C GLN A 483 -7.73 24.37 14.91
N ARG A 484 -8.94 24.86 15.12
CA ARG A 484 -9.88 24.33 16.07
C ARG A 484 -10.19 22.88 15.75
N PHE A 485 -10.52 22.65 14.47
CA PHE A 485 -10.82 21.29 14.06
C PHE A 485 -9.62 20.39 14.36
N VAL A 486 -8.40 20.80 14.01
CA VAL A 486 -7.21 20.01 14.18
C VAL A 486 -6.98 19.72 15.67
N ASP A 487 -7.13 20.79 16.46
CA ASP A 487 -6.95 20.66 17.92
C ASP A 487 -7.89 19.72 18.56
N LYS A 488 -9.18 19.76 18.13
CA LYS A 488 -10.21 18.87 18.62
C LYS A 488 -9.96 17.43 18.26
N VAL A 489 -9.53 17.16 17.03
CA VAL A 489 -9.27 15.79 16.57
C VAL A 489 -8.04 15.22 17.29
N ILE A 490 -6.99 15.97 17.42
CA ILE A 490 -5.80 15.53 18.14
C ILE A 490 -6.20 15.21 19.58
N GLY A 491 -6.92 16.09 20.19
CA GLY A 491 -7.44 15.92 21.53
C GLY A 491 -8.21 14.70 21.78
N GLU A 492 -9.21 14.41 20.95
CA GLU A 492 -10.03 13.23 21.05
C GLU A 492 -9.28 11.96 20.78
N ILE A 493 -8.39 11.95 19.80
CA ILE A 493 -7.63 10.67 19.50
C ILE A 493 -6.64 10.46 20.63
N ALA A 494 -6.02 11.47 21.15
CA ALA A 494 -5.08 11.37 22.28
C ALA A 494 -5.74 10.76 23.52
N GLN A 495 -7.00 11.07 23.81
CA GLN A 495 -7.77 10.53 24.89
C GLN A 495 -8.06 9.06 24.73
N MET A 496 -8.41 8.60 23.53
CA MET A 496 -8.60 7.20 23.25
C MET A 496 -7.28 6.45 23.53
N HIS A 497 -6.18 7.00 23.08
CA HIS A 497 -4.88 6.37 23.33
C HIS A 497 -4.59 6.34 24.83
N LYS A 498 -4.92 7.34 25.59
CA LYS A 498 -4.71 7.35 27.04
C LYS A 498 -5.52 6.27 27.71
N GLU A 499 -6.75 6.07 27.35
CA GLU A 499 -7.61 5.06 27.83
C GLU A 499 -7.15 3.66 27.49
N ALA A 500 -6.59 3.46 26.32
CA ALA A 500 -6.10 2.18 25.84
C ALA A 500 -4.77 1.78 26.52
N GLY A 501 -4.13 2.73 27.17
CA GLY A 501 -2.90 2.59 27.85
C GLY A 501 -1.67 2.72 26.99
N GLN A 502 -1.74 3.36 25.83
CA GLN A 502 -0.60 3.62 24.98
C GLN A 502 -0.66 5.07 24.48
N PRO A 503 -0.33 6.04 25.30
CA PRO A 503 -0.39 7.46 24.98
C PRO A 503 0.32 7.76 23.67
N ILE A 504 -0.24 8.59 22.81
CA ILE A 504 0.39 8.87 21.52
C ILE A 504 1.80 9.41 21.74
N LYS A 505 2.75 8.82 20.98
CA LYS A 505 4.11 9.24 20.92
C LYS A 505 4.42 9.96 19.60
N THR A 506 3.72 9.64 18.53
CA THR A 506 3.92 10.32 17.26
C THR A 506 2.54 10.64 16.63
N TRP A 507 2.37 11.91 16.27
CA TRP A 507 1.28 12.39 15.48
C TRP A 507 1.75 12.48 13.99
N HIS A 508 1.01 11.86 13.09
CA HIS A 508 1.33 11.95 11.67
C HIS A 508 0.40 12.98 11.02
N PHE A 509 1.04 14.07 10.58
CA PHE A 509 0.39 15.21 9.93
C PHE A 509 -0.03 14.95 8.49
N GLY A 510 0.53 13.99 7.79
CA GLY A 510 0.35 13.73 6.38
C GLY A 510 1.27 14.66 5.60
N GLY A 511 0.71 15.57 4.84
CA GLY A 511 1.37 16.60 4.11
C GLY A 511 1.64 16.34 2.65
N ASP A 512 1.29 15.20 2.08
CA ASP A 512 1.56 14.86 0.71
C ASP A 512 0.67 15.51 -0.33
N GLU A 513 1.28 15.80 -1.46
CA GLU A 513 0.66 16.25 -2.68
C GLU A 513 -0.21 17.49 -2.61
N ALA A 514 0.19 18.52 -1.86
CA ALA A 514 -0.60 19.73 -1.67
C ALA A 514 -0.19 20.75 -2.74
N LYS A 515 -0.68 20.47 -3.92
CA LYS A 515 -0.38 21.19 -5.14
C LYS A 515 -1.51 21.02 -6.16
N ASN A 516 -1.46 21.81 -7.20
CA ASN A 516 -2.29 21.74 -8.37
C ASN A 516 -1.52 21.05 -9.49
N ILE A 517 -1.97 19.85 -9.92
CA ILE A 517 -1.31 19.12 -10.95
C ILE A 517 -1.36 19.78 -12.32
N ARG A 518 -2.25 20.71 -12.59
CA ARG A 518 -2.37 21.37 -13.87
C ARG A 518 -1.24 22.37 -14.14
N LEU A 519 -0.53 22.73 -13.07
CA LEU A 519 0.64 23.58 -13.13
C LEU A 519 1.92 22.73 -13.18
N GLY A 520 1.79 21.37 -13.29
CA GLY A 520 2.99 20.56 -13.34
C GLY A 520 3.67 20.67 -14.69
N ALA A 521 4.83 20.11 -14.80
CA ALA A 521 5.71 20.13 -15.94
C ALA A 521 5.25 19.45 -17.20
N GLY A 522 4.37 18.47 -17.15
CA GLY A 522 3.93 17.76 -18.31
C GLY A 522 2.78 18.40 -19.02
N TYR A 523 2.23 19.47 -18.45
CA TYR A 523 1.17 20.21 -19.10
C TYR A 523 1.80 21.52 -19.62
N THR A 524 1.21 22.08 -20.63
CA THR A 524 1.69 23.29 -21.25
C THR A 524 0.47 24.16 -21.57
N ASP A 525 0.71 25.43 -21.77
CA ASP A 525 -0.38 26.39 -21.98
C ASP A 525 -0.78 26.53 -23.43
N LYS A 526 -2.02 26.62 -23.80
CA LYS A 526 -2.69 26.75 -25.05
C LYS A 526 -2.16 27.85 -25.98
N ALA A 527 -1.52 28.85 -25.40
CA ALA A 527 -0.97 30.01 -26.00
C ALA A 527 0.48 29.93 -26.45
N LYS A 528 1.31 29.17 -25.81
CA LYS A 528 2.72 28.97 -26.23
C LYS A 528 3.06 27.52 -25.86
N PRO A 529 2.39 26.61 -26.57
CA PRO A 529 2.47 25.20 -26.31
C PRO A 529 3.84 24.66 -26.53
N GLU A 530 4.50 24.16 -25.51
CA GLU A 530 5.74 23.45 -25.79
C GLU A 530 5.28 22.07 -26.32
N PRO A 531 6.02 21.55 -27.27
CA PRO A 531 5.79 20.24 -27.84
C PRO A 531 5.94 19.16 -26.77
N GLY A 532 5.23 18.05 -26.95
CA GLY A 532 5.27 16.89 -26.12
C GLY A 532 4.63 16.99 -24.74
N LYS A 533 3.74 17.95 -24.56
CA LYS A 533 3.11 18.24 -23.30
C LYS A 533 1.60 18.38 -23.53
N GLY A 534 0.84 18.12 -22.48
CA GLY A 534 -0.57 18.23 -22.52
C GLY A 534 -0.97 19.73 -22.62
N ILE A 535 -1.62 20.02 -23.72
CA ILE A 535 -2.06 21.39 -24.00
C ILE A 535 -3.37 21.67 -23.26
N ILE A 536 -3.27 22.56 -22.27
CA ILE A 536 -4.42 22.96 -21.47
C ILE A 536 -4.45 24.47 -21.28
N ASP A 537 -5.52 25.06 -20.85
CA ASP A 537 -5.55 26.49 -20.50
C ASP A 537 -5.03 26.67 -19.05
N GLN A 538 -3.78 27.03 -18.92
CA GLN A 538 -3.17 27.22 -17.64
C GLN A 538 -3.31 28.61 -17.04
N GLY A 539 -3.97 29.54 -17.71
CA GLY A 539 -4.00 30.93 -17.21
C GLY A 539 -5.09 31.12 -16.17
N ASN A 540 -6.02 30.17 -16.12
CA ASN A 540 -7.04 30.18 -15.09
C ASN A 540 -6.80 29.09 -14.04
N GLU A 541 -5.61 28.50 -13.96
CA GLU A 541 -5.22 27.51 -13.00
C GLU A 541 -4.57 28.18 -11.79
N ASP A 542 -5.04 27.90 -10.58
CA ASP A 542 -4.48 28.57 -9.41
C ASP A 542 -3.68 27.64 -8.52
N LYS A 543 -2.75 28.12 -7.73
CA LYS A 543 -2.17 27.31 -6.63
C LYS A 543 -3.26 27.20 -5.55
N PRO A 544 -3.33 26.11 -4.84
CA PRO A 544 -4.32 25.93 -3.81
C PRO A 544 -4.38 27.16 -2.93
N TRP A 545 -5.54 27.63 -2.57
CA TRP A 545 -5.79 28.71 -1.65
C TRP A 545 -5.48 30.10 -2.17
N ALA A 546 -5.06 30.19 -3.40
CA ALA A 546 -4.71 31.37 -4.11
C ALA A 546 -5.85 32.40 -4.04
N LYS A 547 -7.08 31.95 -4.19
CA LYS A 547 -8.20 32.86 -4.12
C LYS A 547 -8.87 32.90 -2.78
N SER A 548 -8.28 32.39 -1.71
CA SER A 548 -8.87 32.49 -0.40
C SER A 548 -8.50 33.90 0.19
N GLN A 549 -9.49 34.68 0.53
CA GLN A 549 -9.30 36.00 1.14
C GLN A 549 -8.53 35.86 2.46
N VAL A 550 -8.92 34.86 3.24
CA VAL A 550 -8.21 34.62 4.52
C VAL A 550 -6.76 34.32 4.30
N CYS A 551 -6.37 33.48 3.31
CA CYS A 551 -4.98 33.21 3.05
C CYS A 551 -4.22 34.41 2.54
N GLN A 552 -4.86 35.18 1.72
CA GLN A 552 -4.27 36.47 1.24
C GLN A 552 -3.98 37.42 2.40
N THR A 553 -4.88 37.66 3.36
CA THR A 553 -4.56 38.59 4.46
C THR A 553 -3.47 38.02 5.31
N MET A 554 -3.30 36.71 5.32
CA MET A 554 -2.25 36.03 6.10
C MET A 554 -0.90 36.33 5.47
N ILE A 555 -0.86 36.35 4.15
CA ILE A 555 0.34 36.65 3.38
C ILE A 555 0.70 38.12 3.55
N LYS A 556 -0.25 39.06 3.57
CA LYS A 556 0.00 40.49 3.74
C LYS A 556 0.40 40.94 5.11
N GLU A 557 -0.03 40.34 6.19
CA GLU A 557 0.38 40.62 7.56
C GLU A 557 1.76 40.06 7.89
N GLY A 558 2.42 39.47 6.89
CA GLY A 558 3.70 38.86 6.91
C GLY A 558 3.85 37.51 7.54
N LYS A 559 2.79 36.81 7.93
CA LYS A 559 2.86 35.53 8.61
C LYS A 559 3.52 34.44 7.78
N VAL A 560 3.26 34.39 6.49
CA VAL A 560 3.82 33.44 5.53
C VAL A 560 4.28 34.19 4.29
N ALA A 561 5.24 33.76 3.53
CA ALA A 561 5.74 34.49 2.36
C ALA A 561 4.94 34.43 1.11
N ASP A 562 4.44 33.25 0.75
CA ASP A 562 3.69 33.04 -0.48
C ASP A 562 2.75 31.85 -0.29
N MET A 563 1.91 31.62 -1.26
CA MET A 563 0.89 30.55 -1.19
C MET A 563 1.56 29.17 -1.11
N GLU A 564 2.71 29.08 -1.74
CA GLU A 564 3.55 27.91 -1.82
C GLU A 564 4.07 27.47 -0.47
N HIS A 565 4.39 28.34 0.44
CA HIS A 565 4.82 27.99 1.78
C HIS A 565 3.67 27.59 2.69
N LEU A 566 2.42 27.62 2.30
CA LEU A 566 1.33 27.29 3.15
C LEU A 566 1.37 25.92 3.76
N PRO A 567 1.63 24.85 3.03
CA PRO A 567 1.68 23.50 3.56
C PRO A 567 2.67 23.33 4.69
N SER A 568 3.89 23.78 4.58
CA SER A 568 4.94 23.77 5.54
C SER A 568 4.69 24.65 6.76
N TYR A 569 4.13 25.85 6.53
CA TYR A 569 3.68 26.73 7.58
C TYR A 569 2.62 26.04 8.42
N PHE A 570 1.67 25.35 7.77
CA PHE A 570 0.63 24.64 8.46
C PHE A 570 1.20 23.48 9.28
N GLY A 571 2.19 22.79 8.81
CA GLY A 571 2.91 21.71 9.50
C GLY A 571 3.55 22.21 10.81
N GLN A 572 4.19 23.36 10.77
CA GLN A 572 4.73 24.07 11.89
C GLN A 572 3.65 24.46 12.92
N GLU A 573 2.47 24.92 12.53
CA GLU A 573 1.36 25.27 13.36
C GLU A 573 0.74 24.06 14.01
N VAL A 574 0.59 22.97 13.24
CA VAL A 574 0.07 21.73 13.80
C VAL A 574 1.07 21.12 14.79
N SER A 575 2.37 21.26 14.57
CA SER A 575 3.34 20.75 15.56
C SER A 575 3.17 21.41 16.93
N LYS A 576 2.72 22.67 16.94
CA LYS A 576 2.41 23.39 18.17
C LYS A 576 1.20 22.86 18.84
N LEU A 577 0.23 22.40 18.12
CA LEU A 577 -0.94 21.76 18.66
C LEU A 577 -0.60 20.36 19.17
N VAL A 578 0.26 19.68 18.45
CA VAL A 578 0.64 18.31 18.85
C VAL A 578 1.42 18.40 20.16
N LYS A 579 2.37 19.34 20.23
CA LYS A 579 3.13 19.53 21.45
C LYS A 579 2.31 19.92 22.64
N ALA A 580 1.28 20.74 22.43
CA ALA A 580 0.36 21.16 23.46
C ALA A 580 -0.47 20.05 24.04
N HIS A 581 -0.65 18.96 23.31
CA HIS A 581 -1.33 17.80 23.79
C HIS A 581 -0.38 16.77 24.40
N GLY A 582 0.88 17.16 24.64
CA GLY A 582 1.78 16.18 25.33
C GLY A 582 2.48 15.21 24.40
N ILE A 583 2.47 15.54 23.09
CA ILE A 583 3.08 14.65 22.09
C ILE A 583 4.35 15.32 21.61
N ASP A 584 5.52 14.70 21.71
CA ASP A 584 6.79 15.28 21.39
C ASP A 584 7.43 14.80 20.11
N ARG A 585 6.68 14.22 19.17
CA ARG A 585 7.17 13.82 17.87
C ARG A 585 6.04 13.95 16.81
N MET A 586 6.37 14.56 15.71
CA MET A 586 5.47 14.65 14.58
C MET A 586 6.17 13.97 13.37
N GLN A 587 5.39 13.39 12.50
CA GLN A 587 5.86 12.75 11.29
C GLN A 587 5.03 13.28 10.09
N ALA A 588 5.65 13.38 8.92
CA ALA A 588 4.97 13.86 7.72
C ALA A 588 5.57 13.19 6.50
N TRP A 589 4.82 13.17 5.43
CA TRP A 589 5.34 12.83 4.09
C TRP A 589 6.26 14.00 3.74
N GLN A 590 7.48 13.83 3.30
CA GLN A 590 8.48 14.83 3.26
C GLN A 590 8.13 16.05 2.45
N ASP A 591 7.39 15.89 1.37
CA ASP A 591 7.00 17.02 0.52
C ASP A 591 6.15 18.04 1.26
N GLY A 592 5.38 17.72 2.26
CA GLY A 592 4.63 18.76 2.99
C GLY A 592 5.53 19.65 3.85
N LEU A 593 6.76 19.24 4.15
CA LEU A 593 7.66 20.00 5.01
C LEU A 593 8.84 20.59 4.30
N LYS A 594 8.86 20.57 2.96
CA LYS A 594 9.95 21.01 2.16
C LYS A 594 10.31 22.49 2.30
N ASP A 595 9.41 23.37 2.67
CA ASP A 595 9.77 24.79 2.79
C ASP A 595 10.14 25.22 4.19
N ALA A 596 10.05 24.30 5.16
CA ALA A 596 10.50 24.53 6.52
C ALA A 596 12.04 24.61 6.53
N GLU A 597 12.59 25.51 7.34
CA GLU A 597 14.05 25.65 7.37
C GLU A 597 14.72 24.32 7.77
N SER A 598 14.25 23.74 8.85
CA SER A 598 14.88 22.50 9.37
C SER A 598 14.01 21.91 10.44
N SER A 599 14.37 20.81 11.09
CA SER A 599 13.59 20.31 12.22
C SER A 599 13.44 21.33 13.32
N LYS A 600 14.31 22.33 13.44
CA LYS A 600 14.25 23.36 14.44
C LYS A 600 13.03 24.27 14.33
N ALA A 601 12.39 24.28 13.18
CA ALA A 601 11.20 25.08 12.95
C ALA A 601 9.99 24.47 13.61
N PHE A 602 10.11 23.28 14.17
CA PHE A 602 8.96 22.59 14.77
C PHE A 602 9.02 22.59 16.28
N ALA A 603 7.89 22.55 16.93
CA ALA A 603 7.67 22.60 18.33
C ALA A 603 7.97 21.28 19.02
N THR A 604 7.86 20.18 18.31
CA THR A 604 8.21 18.85 18.88
C THR A 604 9.69 18.69 18.84
N SER A 605 10.31 17.94 19.79
CA SER A 605 11.79 17.85 19.77
C SER A 605 12.28 16.86 18.74
N ARG A 606 11.36 16.05 18.21
CA ARG A 606 11.59 15.11 17.15
C ARG A 606 10.56 15.29 15.97
N VAL A 607 11.09 15.31 14.75
CA VAL A 607 10.34 15.39 13.54
C VAL A 607 10.89 14.32 12.58
N GLY A 608 9.97 13.40 12.26
CA GLY A 608 10.19 12.37 11.30
C GLY A 608 9.56 12.71 9.95
N VAL A 609 10.20 12.19 8.89
CA VAL A 609 9.63 12.26 7.57
C VAL A 609 9.57 10.85 6.94
N ASN A 610 8.45 10.54 6.33
CA ASN A 610 8.34 9.39 5.44
C ASN A 610 8.94 9.84 4.08
N PHE A 611 10.08 9.30 3.72
CA PHE A 611 10.81 9.63 2.52
C PHE A 611 10.35 8.73 1.38
N TRP A 612 9.56 9.30 0.47
CA TRP A 612 8.79 8.64 -0.56
C TRP A 612 9.14 9.10 -2.00
N ASP A 613 10.30 9.67 -2.14
CA ASP A 613 10.82 9.98 -3.48
C ASP A 613 11.34 8.64 -4.06
N THR A 614 11.25 8.42 -5.37
CA THR A 614 11.78 7.19 -5.95
C THR A 614 13.30 7.32 -6.09
N LEU A 615 14.01 6.24 -5.94
CA LEU A 615 15.42 6.15 -6.04
C LEU A 615 15.96 6.42 -7.41
N TYR A 616 15.42 5.79 -8.45
CA TYR A 616 16.08 5.91 -9.75
C TYR A 616 16.00 7.32 -10.31
N TRP A 617 15.12 8.10 -9.78
CA TRP A 617 14.85 9.48 -10.12
C TRP A 617 15.64 10.47 -9.28
N GLY A 618 16.48 10.09 -8.33
CA GLY A 618 17.28 11.07 -7.59
C GLY A 618 17.16 10.93 -6.08
N GLY A 619 16.28 10.09 -5.57
CA GLY A 619 16.10 9.87 -4.17
C GLY A 619 17.33 9.46 -3.39
N PHE A 620 18.28 8.75 -4.03
CA PHE A 620 19.51 8.31 -3.47
C PHE A 620 20.42 9.48 -3.02
N ASP A 621 20.15 10.65 -3.58
CA ASP A 621 20.79 11.89 -3.23
C ASP A 621 19.97 12.88 -2.46
N SER A 622 18.68 12.99 -2.70
CA SER A 622 17.86 13.97 -1.96
C SER A 622 17.54 13.52 -0.57
N VAL A 623 17.65 12.23 -0.27
CA VAL A 623 17.38 11.75 1.08
C VAL A 623 18.36 12.31 2.09
N ASN A 624 19.61 12.50 1.65
CA ASN A 624 20.66 13.00 2.53
C ASN A 624 20.26 14.31 3.16
N ASP A 625 19.73 15.22 2.39
CA ASP A 625 19.30 16.54 2.80
C ASP A 625 18.31 16.52 3.98
N TRP A 626 17.40 15.55 4.03
CA TRP A 626 16.49 15.46 5.17
C TRP A 626 17.21 15.10 6.44
N ALA A 627 18.08 14.07 6.45
CA ALA A 627 18.77 13.61 7.62
C ALA A 627 19.71 14.67 8.16
N ASN A 628 20.33 15.42 7.28
CA ASN A 628 21.24 16.48 7.59
C ASN A 628 20.56 17.76 8.07
N LYS A 629 19.26 17.91 7.95
CA LYS A 629 18.49 19.02 8.44
C LYS A 629 17.80 18.69 9.78
N GLY A 630 18.13 17.53 10.35
CA GLY A 630 17.63 17.11 11.62
C GLY A 630 16.48 16.19 11.69
N TYR A 631 15.88 15.84 10.56
CA TYR A 631 14.72 14.98 10.50
C TYR A 631 15.13 13.52 10.60
N GLU A 632 14.29 12.75 11.26
CA GLU A 632 14.50 11.30 11.36
C GLU A 632 13.94 10.73 10.03
N VAL A 633 14.82 10.16 9.24
CA VAL A 633 14.33 9.66 7.92
C VAL A 633 13.76 8.28 8.01
N VAL A 634 12.50 8.08 7.73
CA VAL A 634 11.81 6.83 7.63
C VAL A 634 11.73 6.49 6.11
N VAL A 635 12.62 5.61 5.68
CA VAL A 635 12.71 5.17 4.32
C VAL A 635 11.46 4.48 3.84
N SER A 636 10.80 5.07 2.82
CA SER A 636 9.51 4.63 2.36
C SER A 636 9.39 4.62 0.83
N ASN A 637 10.52 4.47 0.14
CA ASN A 637 10.59 4.59 -1.30
C ASN A 637 9.62 3.74 -2.05
N PRO A 638 8.80 4.35 -2.91
CA PRO A 638 7.79 3.66 -3.68
C PRO A 638 8.32 2.58 -4.60
N ASP A 639 9.55 2.74 -5.09
CA ASP A 639 10.09 1.79 -6.00
C ASP A 639 10.47 0.48 -5.35
N TYR A 640 10.42 0.36 -4.03
CA TYR A 640 10.74 -0.88 -3.36
C TYR A 640 9.76 -1.30 -2.29
N VAL A 641 9.17 -0.40 -1.49
CA VAL A 641 8.38 -0.78 -0.34
C VAL A 641 6.95 -0.24 -0.36
N TYR A 642 6.46 0.06 -1.60
CA TYR A 642 5.01 0.31 -1.77
C TYR A 642 4.41 -1.06 -2.14
N MET A 643 3.56 -1.57 -1.24
CA MET A 643 2.92 -2.83 -1.35
C MET A 643 1.58 -2.78 -2.08
N ASP A 644 1.27 -1.66 -2.68
CA ASP A 644 0.10 -1.55 -3.56
C ASP A 644 0.55 -1.76 -5.02
N PHE A 645 1.80 -1.97 -5.23
CA PHE A 645 2.43 -2.23 -6.54
C PHE A 645 2.46 -3.75 -6.80
N PRO A 646 2.51 -4.13 -8.07
CA PRO A 646 2.37 -5.50 -8.47
C PRO A 646 3.59 -6.33 -8.07
N TYR A 647 3.36 -7.58 -7.85
CA TYR A 647 4.43 -8.56 -7.55
C TYR A 647 5.25 -8.92 -8.76
N GLU A 648 4.59 -8.91 -9.96
CA GLU A 648 5.30 -9.21 -11.18
C GLU A 648 4.71 -8.55 -12.39
N VAL A 649 5.49 -8.47 -13.47
CA VAL A 649 5.02 -7.84 -14.71
C VAL A 649 4.21 -8.85 -15.51
N ASN A 650 2.93 -8.80 -15.30
CA ASN A 650 1.86 -9.56 -15.81
C ASN A 650 0.55 -8.79 -15.74
N PRO A 651 -0.12 -8.59 -16.84
CA PRO A 651 -1.36 -7.80 -16.93
C PRO A 651 -2.49 -8.27 -16.09
N ASP A 652 -2.46 -9.52 -15.58
CA ASP A 652 -3.46 -10.06 -14.72
C ASP A 652 -3.19 -9.88 -13.21
N GLU A 653 -2.11 -9.27 -12.85
CA GLU A 653 -1.76 -8.97 -11.47
C GLU A 653 -2.43 -7.67 -10.96
N ARG A 654 -2.65 -7.59 -9.67
CA ARG A 654 -3.23 -6.50 -8.95
C ARG A 654 -2.19 -5.45 -8.63
N GLY A 655 -2.57 -4.17 -8.69
CA GLY A 655 -1.81 -3.10 -8.26
C GLY A 655 -1.72 -1.84 -9.09
N TYR A 656 -1.38 -0.76 -8.41
CA TYR A 656 -0.92 0.48 -9.06
C TYR A 656 0.55 0.30 -9.42
N TYR A 657 1.19 1.15 -10.21
CA TYR A 657 2.51 0.89 -10.75
C TYR A 657 3.17 2.14 -11.22
N TRP A 658 2.85 3.26 -10.52
CA TRP A 658 3.41 4.53 -10.95
C TRP A 658 4.88 4.65 -10.62
N GLY A 659 5.36 4.04 -9.53
CA GLY A 659 6.73 4.23 -9.12
C GLY A 659 7.71 3.20 -9.62
N THR A 660 7.19 2.05 -9.97
CA THR A 660 7.92 0.93 -10.55
C THR A 660 6.93 -0.06 -11.11
N ARG A 661 7.38 -0.97 -11.97
CA ARG A 661 6.45 -1.94 -12.56
C ARG A 661 6.18 -3.15 -11.72
N PHE A 662 7.11 -3.54 -10.80
CA PHE A 662 6.89 -4.63 -9.92
C PHE A 662 7.88 -4.56 -8.72
N SER A 663 7.50 -5.22 -7.66
CA SER A 663 8.30 -5.44 -6.46
C SER A 663 7.85 -6.76 -5.82
N ASP A 664 8.61 -7.81 -6.06
CA ASP A 664 8.34 -9.14 -5.54
C ASP A 664 9.06 -9.34 -4.21
N GLU A 665 8.90 -10.48 -3.60
CA GLU A 665 9.55 -10.80 -2.31
C GLU A 665 11.05 -10.62 -2.44
N ARG A 666 11.63 -11.08 -3.54
CA ARG A 666 13.05 -10.96 -3.82
C ARG A 666 13.48 -9.54 -3.94
N LYS A 667 12.83 -8.67 -4.68
CA LYS A 667 13.25 -7.27 -4.81
C LYS A 667 13.19 -6.50 -3.50
N VAL A 668 12.19 -6.69 -2.69
CA VAL A 668 12.01 -6.07 -1.41
C VAL A 668 13.16 -6.45 -0.46
N PHE A 669 13.52 -7.72 -0.47
CA PHE A 669 14.65 -8.26 0.30
C PHE A 669 15.97 -7.65 -0.11
N SER A 670 16.17 -7.38 -1.41
CA SER A 670 17.40 -6.85 -1.94
C SER A 670 17.59 -5.38 -1.75
N PHE A 671 16.55 -4.69 -1.30
CA PHE A 671 16.64 -3.28 -0.96
C PHE A 671 17.58 -3.01 0.24
N ALA A 672 18.51 -2.15 0.04
CA ALA A 672 19.50 -1.61 0.96
C ALA A 672 19.15 -0.18 1.32
N PRO A 673 18.39 0.00 2.40
CA PRO A 673 17.84 1.27 2.81
C PRO A 673 18.78 2.27 3.42
N ASP A 674 19.97 1.83 3.87
CA ASP A 674 20.95 2.67 4.50
C ASP A 674 22.10 3.09 3.62
N ASN A 675 22.14 2.58 2.39
CA ASN A 675 23.13 2.94 1.40
C ASN A 675 22.42 2.92 0.02
N MET A 676 21.59 3.95 -0.13
CA MET A 676 20.73 4.09 -1.26
C MET A 676 21.37 3.98 -2.59
N PRO A 677 22.51 4.52 -2.85
CA PRO A 677 23.16 4.43 -4.18
C PRO A 677 23.40 3.02 -4.63
N GLN A 678 23.58 2.05 -3.73
CA GLN A 678 23.96 0.69 -4.11
C GLN A 678 22.92 -0.11 -4.80
N ASN A 679 21.65 0.28 -4.66
CA ASN A 679 20.53 -0.36 -5.32
C ASN A 679 20.60 -0.18 -6.84
N ALA A 680 21.44 0.68 -7.33
CA ALA A 680 21.64 0.83 -8.77
C ALA A 680 22.27 -0.44 -9.36
N GLU A 681 22.95 -1.26 -8.58
CA GLU A 681 23.55 -2.49 -9.09
C GLU A 681 22.65 -3.67 -8.99
N THR A 682 21.61 -3.52 -8.14
CA THR A 682 20.77 -4.71 -7.85
C THR A 682 19.36 -4.59 -8.27
N SER A 683 19.00 -3.50 -8.97
CA SER A 683 17.63 -3.34 -9.42
C SER A 683 17.59 -2.55 -10.70
N VAL A 684 16.41 -2.48 -11.32
CA VAL A 684 16.13 -1.70 -12.48
C VAL A 684 14.96 -0.74 -12.22
N ASP A 685 14.87 0.30 -13.04
CA ASP A 685 13.93 1.35 -12.89
C ASP A 685 12.56 0.94 -13.38
N ARG A 686 11.61 1.87 -13.43
CA ARG A 686 10.23 1.54 -13.73
C ARG A 686 9.99 1.04 -15.15
N ASP A 687 10.93 1.30 -16.06
CA ASP A 687 10.86 0.84 -17.44
C ASP A 687 11.85 -0.30 -17.69
N GLY A 688 12.39 -0.90 -16.65
CA GLY A 688 13.28 -1.97 -16.67
C GLY A 688 14.71 -1.64 -17.01
N ASN A 689 15.07 -0.37 -17.05
CA ASN A 689 16.37 0.08 -17.46
C ASN A 689 17.36 0.15 -16.27
N HIS A 690 18.64 0.01 -16.57
CA HIS A 690 19.66 0.15 -15.53
C HIS A 690 19.76 1.64 -15.22
N PHE A 691 20.14 1.96 -14.00
CA PHE A 691 20.38 3.32 -13.62
C PHE A 691 21.72 3.39 -12.86
N ASN A 692 22.16 4.61 -12.64
CA ASN A 692 23.34 4.98 -11.93
C ASN A 692 22.96 5.82 -10.72
N ALA A 693 23.78 5.73 -9.72
CA ALA A 693 23.49 6.45 -8.50
C ALA A 693 24.78 6.75 -7.74
N LYS A 694 24.78 7.95 -7.23
CA LYS A 694 25.89 8.53 -6.50
C LYS A 694 25.40 9.72 -5.66
N SER A 695 26.01 9.81 -4.48
CA SER A 695 25.80 10.96 -3.66
C SER A 695 27.19 11.38 -3.10
N ASP A 696 27.38 12.68 -3.07
CA ASP A 696 28.59 13.28 -2.54
C ASP A 696 28.36 13.81 -1.14
N LYS A 697 27.10 13.75 -0.65
CA LYS A 697 26.75 14.31 0.64
C LYS A 697 26.96 13.33 1.78
N PRO A 698 27.09 13.84 2.99
CA PRO A 698 27.15 13.11 4.22
C PRO A 698 25.85 12.33 4.45
N TRP A 699 25.95 11.15 5.02
CA TRP A 699 24.81 10.32 5.33
C TRP A 699 25.01 9.78 6.75
N PRO A 700 24.28 10.33 7.67
CA PRO A 700 24.30 9.96 9.07
C PRO A 700 23.60 8.66 9.33
N GLY A 701 22.75 8.26 8.40
CA GLY A 701 21.98 7.08 8.41
C GLY A 701 20.48 7.36 8.63
N ALA A 702 19.71 6.35 8.29
CA ALA A 702 18.27 6.33 8.40
C ALA A 702 17.84 5.93 9.83
N TYR A 703 16.65 6.39 10.16
CA TYR A 703 16.05 6.06 11.44
C TYR A 703 15.15 4.90 11.38
N GLY A 704 14.51 4.56 10.20
CA GLY A 704 13.66 3.46 10.04
C GLY A 704 13.28 3.06 8.62
N LEU A 705 12.43 2.10 8.50
CA LEU A 705 11.93 1.55 7.26
C LEU A 705 10.44 1.32 7.43
N SER A 706 9.64 1.61 6.46
CA SER A 706 8.23 1.42 6.42
C SER A 706 7.76 0.95 5.03
N ALA A 707 6.91 -0.05 4.99
CA ALA A 707 6.26 -0.60 3.84
C ALA A 707 4.77 -0.22 3.86
N GLN A 708 4.30 0.30 2.72
CA GLN A 708 2.98 0.89 2.59
C GLN A 708 1.96 0.12 1.79
N LEU A 709 0.77 -0.05 2.36
CA LEU A 709 -0.35 -0.62 1.62
C LEU A 709 -1.36 0.55 1.39
N TRP A 710 -1.32 1.13 0.23
CA TRP A 710 -2.36 2.08 -0.23
C TRP A 710 -3.50 1.24 -0.78
N SER A 711 -4.78 1.72 -0.62
CA SER A 711 -5.88 0.87 -0.87
C SER A 711 -6.81 1.11 -2.03
N GLU A 712 -6.42 1.93 -3.01
CA GLU A 712 -7.29 2.17 -4.18
C GLU A 712 -7.94 0.95 -4.75
N THR A 713 -7.18 -0.07 -5.19
CA THR A 713 -7.77 -1.26 -5.81
C THR A 713 -7.85 -2.44 -4.86
N GLN A 714 -7.60 -2.19 -3.57
CA GLN A 714 -7.69 -3.29 -2.55
C GLN A 714 -9.03 -3.15 -1.90
N ARG A 715 -10.06 -3.56 -2.60
CA ARG A 715 -11.43 -3.39 -2.27
C ARG A 715 -11.92 -4.27 -1.16
N THR A 716 -11.31 -5.43 -0.97
CA THR A 716 -11.71 -6.40 0.05
C THR A 716 -10.51 -6.66 0.97
N ASP A 717 -10.78 -7.39 2.08
CA ASP A 717 -9.72 -7.70 3.05
C ASP A 717 -8.74 -8.75 2.51
N PRO A 718 -9.19 -9.74 1.81
CA PRO A 718 -8.36 -10.74 1.14
C PRO A 718 -7.49 -10.15 0.09
N GLN A 719 -7.92 -9.10 -0.58
CA GLN A 719 -7.09 -8.38 -1.54
C GLN A 719 -5.97 -7.63 -0.84
N MET A 720 -6.31 -6.99 0.30
CA MET A 720 -5.32 -6.32 1.12
C MET A 720 -4.24 -7.34 1.55
N GLU A 721 -4.73 -8.50 2.05
CA GLU A 721 -3.81 -9.53 2.49
C GLU A 721 -2.96 -10.11 1.38
N TYR A 722 -3.49 -10.25 0.18
CA TYR A 722 -2.75 -10.69 -0.99
C TYR A 722 -1.60 -9.74 -1.29
N MET A 723 -1.76 -8.44 -1.14
CA MET A 723 -0.77 -7.45 -1.44
C MET A 723 0.29 -7.28 -0.38
N ILE A 724 -0.01 -7.41 0.87
CA ILE A 724 0.96 -7.25 1.97
C ILE A 724 1.82 -8.51 2.15
N PHE A 725 1.24 -9.69 2.11
CA PHE A 725 1.86 -10.99 2.36
C PHE A 725 1.98 -11.86 1.11
N PRO A 726 3.13 -12.50 0.91
CA PRO A 726 4.20 -12.56 1.86
C PRO A 726 5.30 -11.61 1.78
N ARG A 727 5.26 -10.55 0.95
CA ARG A 727 6.36 -9.64 0.84
C ARG A 727 6.61 -8.80 2.08
N ALA A 728 5.73 -8.64 3.01
CA ALA A 728 6.03 -7.94 4.24
C ALA A 728 7.03 -8.76 5.11
N LEU A 729 7.22 -10.05 4.87
CA LEU A 729 8.24 -10.80 5.61
C LEU A 729 9.62 -10.36 5.18
N SER A 730 9.79 -9.97 3.89
CA SER A 730 11.02 -9.42 3.37
C SER A 730 11.32 -8.08 4.01
N VAL A 731 10.29 -7.25 4.24
CA VAL A 731 10.37 -5.98 4.89
C VAL A 731 10.86 -6.21 6.37
N ALA A 732 10.26 -7.12 7.06
CA ALA A 732 10.62 -7.42 8.46
C ALA A 732 12.09 -7.76 8.59
N GLU A 733 12.59 -8.54 7.64
CA GLU A 733 13.98 -8.95 7.60
C GLU A 733 14.90 -7.79 7.45
N ARG A 734 14.63 -6.97 6.39
CA ARG A 734 15.48 -5.86 6.08
C ARG A 734 15.38 -4.74 7.09
N SER A 735 14.27 -4.57 7.76
CA SER A 735 14.15 -3.50 8.76
C SER A 735 14.78 -3.92 10.11
N TRP A 736 14.91 -5.21 10.34
CA TRP A 736 15.58 -5.71 11.55
C TRP A 736 17.06 -5.94 11.33
N HIS A 737 17.44 -6.63 10.28
CA HIS A 737 18.79 -7.07 9.98
C HIS A 737 19.49 -6.42 8.82
N ARG A 738 20.73 -5.96 9.12
CA ARG A 738 21.61 -5.42 8.10
C ARG A 738 22.46 -6.56 7.55
N ALA A 739 22.36 -6.90 6.29
CA ALA A 739 23.09 -8.05 5.74
C ALA A 739 24.51 -7.68 5.42
N GLY A 740 25.40 -8.72 5.28
CA GLY A 740 26.76 -8.44 4.90
C GLY A 740 26.93 -7.81 3.54
N TRP A 741 26.03 -7.98 2.60
CA TRP A 741 26.12 -7.44 1.26
C TRP A 741 25.62 -6.01 1.21
N GLU A 742 25.07 -5.55 2.35
CA GLU A 742 24.66 -4.16 2.46
C GLU A 742 25.90 -3.37 2.86
N GLN A 743 26.55 -2.67 1.94
CA GLN A 743 27.80 -2.00 2.20
C GLN A 743 27.60 -0.68 2.93
N ASP A 744 28.69 -0.18 3.54
CA ASP A 744 28.64 1.15 4.11
C ASP A 744 28.60 2.23 2.97
N TYR A 745 27.81 3.27 3.30
CA TYR A 745 27.66 4.42 2.43
C TYR A 745 29.04 5.05 2.25
N ARG A 746 29.42 5.45 1.12
CA ARG A 746 30.64 6.10 0.75
C ARG A 746 30.28 7.28 -0.18
N ALA A 747 30.50 8.45 0.37
CA ALA A 747 30.27 9.67 -0.43
C ALA A 747 31.19 9.63 -1.65
N GLY A 748 30.66 9.86 -2.85
CA GLY A 748 31.44 9.87 -4.04
C GLY A 748 31.48 8.52 -4.73
N ARG A 749 31.03 7.46 -4.10
CA ARG A 749 30.97 6.18 -4.81
C ARG A 749 29.71 6.27 -5.74
N GLU A 750 30.02 5.90 -6.98
CA GLU A 750 29.02 5.90 -8.01
C GLU A 750 28.76 4.46 -8.43
N TYR A 751 27.57 3.99 -8.22
CA TYR A 751 27.12 2.68 -8.61
C TYR A 751 26.37 2.83 -9.97
N LYS A 752 26.78 1.97 -10.91
CA LYS A 752 26.27 1.99 -12.28
C LYS A 752 25.69 0.67 -12.68
N GLY A 753 24.38 0.58 -12.77
CA GLY A 753 23.72 -0.69 -13.09
C GLY A 753 24.32 -1.26 -14.36
N GLY A 754 24.64 -2.51 -14.37
CA GLY A 754 25.24 -3.23 -15.44
C GLY A 754 26.71 -2.98 -15.71
N GLU A 755 27.33 -2.01 -15.08
CA GLU A 755 28.69 -1.60 -15.35
C GLU A 755 29.56 -1.82 -14.14
N THR A 756 29.24 -1.27 -12.97
CA THR A 756 30.07 -1.53 -11.80
C THR A 756 29.70 -2.81 -11.11
N HIS A 757 30.68 -3.25 -10.25
CA HIS A 757 30.51 -4.51 -9.52
C HIS A 757 31.00 -4.38 -8.08
N PHE A 758 30.55 -3.32 -7.36
CA PHE A 758 30.86 -3.11 -5.98
C PHE A 758 30.15 -4.08 -5.06
N VAL A 759 28.86 -4.29 -5.26
CA VAL A 759 28.06 -5.15 -4.41
C VAL A 759 28.37 -6.61 -4.63
N ASP A 760 28.41 -7.31 -3.49
CA ASP A 760 28.64 -8.75 -3.47
C ASP A 760 27.31 -9.42 -3.75
N THR A 761 26.99 -9.52 -5.03
CA THR A 761 25.74 -10.10 -5.46
C THR A 761 25.70 -11.59 -5.29
N GLN A 762 26.83 -12.25 -5.12
CA GLN A 762 26.76 -13.72 -4.82
C GLN A 762 26.31 -13.93 -3.38
N ALA A 763 26.77 -13.09 -2.45
CA ALA A 763 26.31 -13.16 -1.06
C ALA A 763 24.81 -12.83 -0.98
N LEU A 764 24.40 -11.83 -1.77
CA LEU A 764 22.99 -11.42 -1.81
C LEU A 764 22.14 -12.58 -2.23
N GLU A 765 22.55 -13.25 -3.30
CA GLU A 765 21.91 -14.43 -3.84
C GLU A 765 21.74 -15.58 -2.87
N LYS A 766 22.80 -15.92 -2.16
CA LYS A 766 22.81 -17.01 -1.20
C LYS A 766 21.92 -16.69 -0.02
N ASP A 767 21.93 -15.41 0.37
CA ASP A 767 21.06 -14.95 1.50
C ASP A 767 19.60 -15.10 1.09
N TRP A 768 19.25 -14.65 -0.11
CA TRP A 768 17.89 -14.81 -0.62
C TRP A 768 17.46 -16.23 -0.79
N LEU A 769 18.35 -17.11 -1.31
CA LEU A 769 17.99 -18.50 -1.49
C LEU A 769 17.59 -19.17 -0.20
N ARG A 770 18.30 -18.87 0.87
CA ARG A 770 17.98 -19.38 2.19
C ARG A 770 16.64 -18.82 2.69
N PHE A 771 16.48 -17.52 2.60
CA PHE A 771 15.24 -16.84 3.04
C PHE A 771 14.03 -17.32 2.28
N ALA A 772 14.07 -17.45 0.97
CA ALA A 772 12.99 -17.96 0.14
C ALA A 772 12.62 -19.36 0.53
N ASN A 773 13.63 -20.18 0.86
CA ASN A 773 13.43 -21.52 1.33
C ASN A 773 12.78 -21.54 2.70
N ILE A 774 13.19 -20.64 3.59
CA ILE A 774 12.51 -20.62 4.93
C ILE A 774 11.05 -20.26 4.75
N LEU A 775 10.74 -19.30 3.87
CA LEU A 775 9.32 -19.00 3.60
C LEU A 775 8.54 -20.16 3.07
N GLY A 776 9.04 -20.83 2.00
CA GLY A 776 8.37 -21.90 1.39
C GLY A 776 8.25 -23.19 2.17
N GLN A 777 9.26 -23.56 2.93
CA GLN A 777 9.30 -24.74 3.77
C GLN A 777 8.78 -24.53 5.19
N ARG A 778 8.78 -23.35 5.77
CA ARG A 778 8.30 -23.20 7.14
C ARG A 778 7.29 -22.10 7.40
N GLU A 779 7.59 -20.86 7.08
CA GLU A 779 6.78 -19.70 7.42
C GLU A 779 5.47 -19.56 6.75
N LEU A 780 5.30 -19.91 5.46
CA LEU A 780 3.99 -19.79 4.82
C LEU A 780 2.96 -20.67 5.48
N ALA A 781 3.37 -21.85 6.00
CA ALA A 781 2.42 -22.70 6.73
C ALA A 781 1.91 -22.01 7.98
N LYS A 782 2.70 -21.15 8.57
CA LYS A 782 2.26 -20.38 9.75
C LYS A 782 1.27 -19.30 9.39
N LEU A 783 1.43 -18.65 8.25
CA LEU A 783 0.49 -17.65 7.74
C LEU A 783 -0.84 -18.30 7.45
N ASP A 784 -0.82 -19.54 6.95
CA ASP A 784 -2.01 -20.28 6.72
C ASP A 784 -2.78 -20.41 8.06
N LYS A 785 -2.03 -20.80 9.11
CA LYS A 785 -2.61 -20.91 10.43
C LYS A 785 -3.08 -19.59 11.00
N GLY A 786 -2.51 -18.46 10.68
CA GLY A 786 -3.00 -17.19 11.14
C GLY A 786 -4.15 -16.65 10.30
N GLY A 787 -4.62 -17.35 9.29
CA GLY A 787 -5.75 -17.02 8.49
C GLY A 787 -5.51 -15.94 7.46
N VAL A 788 -4.30 -15.69 7.09
CA VAL A 788 -3.92 -14.65 6.14
C VAL A 788 -3.94 -15.16 4.71
N ALA A 789 -4.74 -14.48 3.84
CA ALA A 789 -4.84 -14.87 2.44
C ALA A 789 -3.73 -14.28 1.59
N TYR A 790 -2.51 -14.72 1.85
CA TYR A 790 -1.30 -14.33 1.19
C TYR A 790 -1.32 -14.81 -0.27
N ARG A 791 -0.57 -14.09 -1.09
CA ARG A 791 -0.38 -14.41 -2.48
C ARG A 791 0.49 -15.66 -2.67
N LEU A 792 -0.04 -16.63 -3.42
CA LEU A 792 0.72 -17.80 -3.80
C LEU A 792 1.31 -17.52 -5.18
N PRO A 793 2.60 -17.62 -5.32
CA PRO A 793 3.27 -17.36 -6.58
C PRO A 793 2.89 -18.41 -7.60
N VAL A 794 2.80 -18.02 -8.86
CA VAL A 794 2.53 -18.98 -9.94
C VAL A 794 3.89 -19.63 -10.24
N PRO A 795 3.93 -20.92 -10.49
CA PRO A 795 5.17 -21.59 -10.84
C PRO A 795 5.78 -21.08 -12.14
N GLY A 796 7.07 -21.33 -12.25
CA GLY A 796 7.82 -21.26 -13.46
C GLY A 796 7.80 -22.70 -14.03
N ALA A 797 7.80 -22.84 -15.34
CA ALA A 797 7.73 -24.14 -15.99
C ALA A 797 8.23 -24.07 -17.43
N ARG A 798 8.83 -25.21 -17.86
CA ARG A 798 9.24 -25.38 -19.22
C ARG A 798 9.13 -26.90 -19.53
N VAL A 799 9.07 -27.17 -20.79
CA VAL A 799 9.03 -28.53 -21.30
C VAL A 799 10.36 -28.82 -22.00
N ALA A 800 11.06 -29.77 -21.46
CA ALA A 800 12.41 -30.06 -21.92
C ALA A 800 12.64 -31.56 -21.89
N GLY A 801 13.12 -32.07 -23.04
CA GLY A 801 13.45 -33.50 -23.16
C GLY A 801 12.26 -34.36 -22.84
N GLY A 802 11.11 -33.93 -23.34
CA GLY A 802 9.85 -34.57 -23.15
C GLY A 802 9.21 -34.54 -21.79
N LYS A 803 9.73 -33.78 -20.82
CA LYS A 803 9.17 -33.77 -19.47
C LYS A 803 8.96 -32.34 -18.94
N LEU A 804 8.03 -32.20 -18.00
CA LEU A 804 7.73 -30.90 -17.42
C LEU A 804 8.80 -30.66 -16.32
N GLU A 805 9.45 -29.54 -16.40
CA GLU A 805 10.28 -29.04 -15.36
C GLU A 805 9.62 -27.71 -14.80
N ALA A 806 9.40 -27.71 -13.49
CA ALA A 806 8.77 -26.57 -12.81
C ALA A 806 9.63 -26.16 -11.61
N ASN A 807 9.50 -24.85 -11.31
CA ASN A 807 10.14 -24.23 -10.20
C ASN A 807 9.25 -23.08 -9.64
N ILE A 808 9.71 -22.46 -8.55
CA ILE A 808 8.85 -21.47 -7.84
C ILE A 808 9.69 -20.45 -7.14
N ALA A 809 9.18 -19.23 -6.90
CA ALA A 809 9.93 -18.19 -6.27
C ALA A 809 10.27 -18.44 -4.81
N LEU A 810 9.51 -19.28 -4.17
CA LEU A 810 9.66 -19.60 -2.75
C LEU A 810 9.73 -21.12 -2.62
N PRO A 811 10.95 -21.64 -2.80
CA PRO A 811 11.17 -23.07 -2.80
C PRO A 811 10.63 -23.79 -1.61
N GLY A 812 9.91 -24.91 -1.86
CA GLY A 812 9.28 -25.70 -0.86
C GLY A 812 7.76 -25.76 -0.99
N LEU A 813 7.17 -24.75 -1.63
CA LEU A 813 5.75 -24.74 -1.89
C LEU A 813 5.42 -25.87 -2.88
N GLY A 814 4.26 -26.40 -2.82
CA GLY A 814 3.77 -27.40 -3.73
C GLY A 814 3.43 -26.83 -5.08
N ILE A 815 3.62 -27.69 -6.09
CA ILE A 815 3.34 -27.34 -7.49
C ILE A 815 2.40 -28.35 -8.08
N GLU A 816 1.39 -27.99 -8.84
CA GLU A 816 0.50 -28.85 -9.53
C GLU A 816 0.48 -28.45 -11.03
N TYR A 817 0.21 -29.47 -11.83
CA TYR A 817 0.15 -29.34 -13.28
C TYR A 817 -1.10 -30.05 -13.78
N SER A 818 -1.55 -29.69 -14.95
CA SER A 818 -2.72 -30.27 -15.54
C SER A 818 -2.47 -30.41 -17.03
N THR A 819 -2.78 -31.59 -17.55
CA THR A 819 -2.59 -31.77 -19.03
C THR A 819 -3.92 -31.85 -19.75
N ASP A 820 -5.03 -31.59 -19.12
CA ASP A 820 -6.35 -31.64 -19.73
C ASP A 820 -7.18 -30.38 -19.71
N GLY A 821 -6.61 -29.20 -19.63
CA GLY A 821 -7.31 -27.97 -19.56
C GLY A 821 -7.65 -27.49 -18.18
N GLY A 822 -6.97 -27.97 -17.15
CA GLY A 822 -7.24 -27.45 -15.80
C GLY A 822 -8.43 -28.10 -15.17
N LYS A 823 -8.77 -29.30 -15.62
CA LYS A 823 -9.88 -30.07 -15.06
C LYS A 823 -9.40 -31.00 -13.94
N GLN A 824 -8.38 -31.79 -14.17
CA GLN A 824 -7.74 -32.67 -13.22
C GLN A 824 -6.29 -32.13 -12.96
N TRP A 825 -5.98 -32.01 -11.70
CA TRP A 825 -4.68 -31.52 -11.29
C TRP A 825 -3.93 -32.63 -10.58
N GLN A 826 -2.64 -32.68 -10.86
CA GLN A 826 -1.74 -33.71 -10.28
C GLN A 826 -0.55 -33.03 -9.62
N ARG A 827 0.00 -33.61 -8.58
CA ARG A 827 1.16 -33.06 -7.88
C ARG A 827 2.45 -33.30 -8.61
N TYR A 828 3.26 -32.27 -8.77
CA TYR A 828 4.56 -32.31 -9.41
C TYR A 828 5.62 -32.84 -8.42
N ASP A 829 6.39 -33.84 -8.85
CA ASP A 829 7.53 -34.32 -8.06
C ASP A 829 8.83 -33.99 -8.84
N ALA A 830 9.73 -33.20 -8.32
CA ALA A 830 10.95 -32.84 -9.02
C ALA A 830 11.87 -34.01 -9.31
N LYS A 831 11.75 -35.06 -8.48
CA LYS A 831 12.65 -36.21 -8.61
C LYS A 831 12.04 -37.30 -9.41
N ALA A 832 10.83 -37.08 -9.96
CA ALA A 832 10.16 -37.99 -10.88
C ALA A 832 9.29 -37.16 -11.85
N LYS A 833 9.98 -36.29 -12.59
CA LYS A 833 9.30 -35.33 -13.47
C LYS A 833 8.34 -36.07 -14.34
N PRO A 834 7.23 -35.46 -14.68
CA PRO A 834 6.18 -36.05 -15.49
C PRO A 834 6.44 -35.84 -16.97
N ALA A 835 6.20 -36.90 -17.72
CA ALA A 835 6.34 -36.82 -19.20
C ALA A 835 5.07 -36.11 -19.72
N VAL A 836 5.29 -35.16 -20.63
CA VAL A 836 4.24 -34.25 -21.04
C VAL A 836 4.21 -33.99 -22.51
N SER A 837 3.01 -33.82 -23.07
CA SER A 837 2.80 -33.51 -24.49
C SER A 837 1.57 -32.60 -24.64
N GLY A 838 1.71 -31.59 -25.51
CA GLY A 838 0.58 -30.65 -25.67
C GLY A 838 0.56 -29.63 -24.52
N GLU A 839 -0.63 -29.08 -24.33
CA GLU A 839 -0.83 -27.97 -23.40
C GLU A 839 -0.65 -28.39 -21.97
N VAL A 840 0.21 -27.63 -21.22
CA VAL A 840 0.32 -27.93 -19.78
C VAL A 840 -0.07 -26.63 -19.04
N GLN A 841 -0.70 -26.74 -17.92
CA GLN A 841 -0.98 -25.61 -17.05
C GLN A 841 -0.29 -25.88 -15.70
N VAL A 842 0.15 -24.87 -15.00
CA VAL A 842 0.74 -25.12 -13.67
C VAL A 842 0.08 -24.22 -12.64
N ARG A 843 0.05 -24.62 -11.40
CA ARG A 843 -0.44 -23.76 -10.33
C ARG A 843 0.28 -24.14 -9.04
N SER A 844 0.38 -23.26 -8.07
CA SER A 844 0.97 -23.60 -6.80
C SER A 844 -0.15 -23.83 -5.78
N VAL A 845 0.24 -24.51 -4.70
CA VAL A 845 -0.74 -24.81 -3.61
C VAL A 845 -0.25 -24.50 -2.27
N SER A 846 -1.07 -23.94 -1.37
CA SER A 846 -0.58 -23.61 -0.04
C SER A 846 -0.19 -24.87 0.72
N PRO A 847 0.63 -24.74 1.75
CA PRO A 847 1.08 -25.84 2.58
C PRO A 847 0.00 -26.67 3.21
N ASP A 848 -1.13 -26.07 3.57
CA ASP A 848 -2.26 -26.76 4.14
C ASP A 848 -3.15 -27.38 3.08
N GLY A 849 -2.89 -27.17 1.79
CA GLY A 849 -3.59 -27.72 0.72
C GLY A 849 -4.91 -27.14 0.32
N LYS A 850 -5.35 -26.00 0.85
CA LYS A 850 -6.62 -25.39 0.64
C LYS A 850 -6.72 -24.30 -0.41
N ARG A 851 -5.61 -23.66 -0.72
CA ARG A 851 -5.59 -22.51 -1.62
C ARG A 851 -4.62 -22.78 -2.74
N TYR A 852 -4.91 -22.24 -3.91
CA TYR A 852 -4.11 -22.38 -5.09
C TYR A 852 -3.79 -21.00 -5.68
N SER A 853 -2.67 -20.94 -6.37
CA SER A 853 -2.37 -19.74 -7.11
C SER A 853 -3.30 -19.75 -8.34
N ARG A 854 -3.20 -18.65 -9.09
CA ARG A 854 -3.84 -18.68 -10.42
C ARG A 854 -3.14 -19.72 -11.29
N ALA A 855 -3.83 -20.31 -12.23
CA ALA A 855 -3.30 -21.31 -13.15
C ALA A 855 -2.85 -20.61 -14.43
N GLU A 856 -1.70 -20.98 -14.96
CA GLU A 856 -1.20 -20.45 -16.20
C GLU A 856 -0.72 -21.60 -17.11
N LYS A 857 -0.85 -21.32 -18.42
CA LYS A 857 -0.43 -22.27 -19.45
C LYS A 857 1.04 -22.10 -19.78
N VAL A 858 1.75 -23.22 -19.93
CA VAL A 858 3.19 -23.16 -20.35
C VAL A 858 3.28 -22.92 -21.82
C1 NAG B . 0.22 9.12 -9.43
C2 NAG B . -0.61 8.05 -8.75
C3 NAG B . -1.01 8.53 -7.31
C4 NAG B . 0.28 8.80 -6.53
C5 NAG B . 1.16 9.74 -7.29
C6 NAG B . 2.57 10.02 -6.76
C7 NAG B . -1.99 6.58 -10.24
C8 NAG B . -3.31 6.42 -10.94
N2 NAG B . -1.77 7.71 -9.51
O1 NAG B . -0.64 10.19 -9.66
O1 NAG B . 0.40 8.98 -10.72
O3 NAG B . -1.66 7.36 -6.74
O4 NAG B . -0.04 9.25 -5.21
O5 NAG B . 1.30 9.54 -8.68
O6 NAG B . 3.13 11.15 -7.48
O7 NAG B . -1.12 5.73 -10.39
C1 NAG B . 0.63 8.77 -4.00
C2 NAG B . -0.11 9.31 -2.81
C3 NAG B . -1.23 8.53 -2.28
C4 NAG B . -1.59 7.32 -3.14
C5 NAG B . -0.32 6.55 -3.48
C6 NAG B . -0.64 5.34 -4.32
C7 NAG B . 1.71 9.14 -1.18
C8 NAG B . 2.47 9.80 -0.11
N2 NAG B . 0.76 9.84 -1.76
O3 NAG B . -2.43 9.16 -1.95
O4 NAG B . -2.50 6.42 -2.59
O5 NAG B . 0.61 7.38 -4.09
O6 NAG B . 0.57 4.57 -4.51
O7 NAG B . 2.12 8.08 -1.74
S SO4 C . -14.54 19.02 -5.55
O1 SO4 C . -13.73 20.26 -5.43
O2 SO4 C . -15.82 18.98 -4.69
O3 SO4 C . -13.76 17.74 -5.37
O4 SO4 C . -15.14 19.01 -7.00
S SO4 D . -25.13 17.60 -27.08
O1 SO4 D . -26.14 16.91 -26.27
O2 SO4 D . -25.48 19.11 -27.11
O3 SO4 D . -23.74 17.53 -26.49
O4 SO4 D . -25.09 17.12 -28.50
S SO4 E . 11.33 5.04 19.53
O1 SO4 E . 11.05 6.11 20.51
O2 SO4 E . 12.22 5.41 18.50
O3 SO4 E . 12.07 3.92 20.46
O4 SO4 E . 10.11 4.35 19.08
S SO4 F . -12.17 18.36 -14.93
O1 SO4 F . -12.13 17.56 -16.12
O2 SO4 F . -13.33 18.07 -14.00
O3 SO4 F . -10.89 18.15 -14.06
O4 SO4 F . -12.15 19.84 -15.28
#